data_3K6X
#
_entry.id   3K6X
#
_cell.length_a   147.195
_cell.length_b   65.587
_cell.length_c   94.768
_cell.angle_alpha   90.000
_cell.angle_beta   123.950
_cell.angle_gamma   90.000
#
_symmetry.space_group_name_H-M   'C 1 2 1'
#
loop_
_entity.id
_entity.type
_entity.pdbx_description
1 polymer 'Solute-binding protein MA_0280'
2 non-polymer 'MOLYBDATE ION'
3 non-polymer 'SULFATE ION'
4 water water
#
_entity_poly.entity_id   1
_entity_poly.type   'polypeptide(L)'
_entity_poly.pdbx_seq_one_letter_code
;MKHHHHHHPMSDYDIPTTENLYFQGAMADNQPEPGNTSAGEGEVLTVFHAGSLSVPFEELEAEFEAQHPGVDVQREAAGS
AQSVRKITELGKKADVLASADYALIPSLMVPEYADWYAAFARNQMILAYTNESKYGDEINTDNWYEILRRPDVRYGFSNP
NDDPAGYRSQMVTQLAESYYNDDMIYDDLMLANTGMTLTTEENGTALIHVPASEEISPNTSKIMLRSMEVELSSALETGE
IDYLYIYRSVAEQHGFEYVALPPAIDLSSLEYADNYSKVQVEMVNGEVVTGSPIVYGVTIPNNAENSELATEFVALLLGE
TGQQIFIENGQPPIVPAIAEGKDSMPEELQALVV
;
_entity_poly.pdbx_strand_id   A,B
#
# COMPACT_ATOMS: atom_id res chain seq x y z
N ILE A 15 -18.22 24.32 -34.89
CA ILE A 15 -17.03 23.42 -34.74
C ILE A 15 -16.00 24.07 -33.81
N PRO A 16 -15.65 23.37 -32.70
CA PRO A 16 -14.67 23.87 -31.73
C PRO A 16 -13.24 23.94 -32.28
N THR A 17 -12.53 25.01 -31.91
CA THR A 17 -11.14 25.24 -32.29
C THR A 17 -10.28 24.51 -31.24
N THR A 18 -8.96 24.50 -31.41
CA THR A 18 -8.03 23.87 -30.45
C THR A 18 -8.11 24.54 -29.07
N GLU A 19 -8.35 25.87 -29.05
CA GLU A 19 -8.51 26.63 -27.81
C GLU A 19 -9.83 26.26 -27.11
N ASN A 20 -10.85 25.97 -27.92
CA ASN A 20 -12.18 25.58 -27.43
C ASN A 20 -12.18 24.16 -26.86
N LEU A 21 -11.20 23.37 -27.29
CA LEU A 21 -11.05 21.99 -26.83
C LEU A 21 -10.07 21.85 -25.67
N TYR A 22 -8.88 22.43 -25.83
CA TYR A 22 -7.81 22.30 -24.84
C TYR A 22 -7.97 23.28 -23.67
N PHE A 23 -7.73 24.57 -23.92
CA PHE A 23 -7.84 25.60 -22.88
C PHE A 23 -9.25 26.20 -22.76
N GLN A 24 -10.26 25.35 -22.58
CA GLN A 24 -11.64 25.79 -22.46
C GLN A 24 -11.96 26.36 -21.07
N GLU A 43 0.74 38.69 -21.39
CA GLU A 43 1.32 37.36 -21.58
C GLU A 43 0.38 36.20 -21.21
N VAL A 44 0.90 34.97 -21.27
CA VAL A 44 0.10 33.76 -21.02
C VAL A 44 0.30 33.14 -19.64
N LEU A 45 -0.81 32.85 -18.96
CA LEU A 45 -0.78 32.18 -17.67
C LEU A 45 -1.43 30.81 -17.83
N THR A 46 -0.60 29.75 -17.84
CA THR A 46 -1.08 28.38 -18.00
C THR A 46 -1.38 27.77 -16.62
N VAL A 47 -2.64 27.39 -16.40
CA VAL A 47 -3.07 26.83 -15.12
C VAL A 47 -3.75 25.46 -15.27
N PHE A 48 -3.16 24.42 -14.68
CA PHE A 48 -3.79 23.10 -14.70
C PHE A 48 -4.45 22.95 -13.33
N HIS A 49 -5.76 22.74 -13.32
CA HIS A 49 -6.48 22.59 -12.07
C HIS A 49 -7.50 21.47 -12.06
N ALA A 50 -7.95 21.15 -10.85
CA ALA A 50 -8.95 20.12 -10.59
C ALA A 50 -10.31 20.53 -11.14
N GLY A 51 -11.14 19.54 -11.48
CA GLY A 51 -12.49 19.76 -12.01
C GLY A 51 -13.42 20.49 -11.05
N SER A 52 -13.29 20.20 -9.76
CA SER A 52 -14.10 20.83 -8.71
C SER A 52 -13.67 22.28 -8.43
N LEU A 53 -12.57 22.69 -9.04
CA LEU A 53 -12.06 24.04 -8.90
C LEU A 53 -12.50 24.93 -10.07
N SER A 54 -13.24 24.35 -11.02
CA SER A 54 -13.72 25.05 -12.22
C SER A 54 -14.51 26.33 -11.93
N VAL A 55 -15.32 26.31 -10.89
CA VAL A 55 -16.11 27.49 -10.51
C VAL A 55 -15.27 28.59 -9.80
N PRO A 56 -14.56 28.27 -8.68
CA PRO A 56 -13.78 29.34 -8.03
C PRO A 56 -12.63 29.91 -8.88
N PHE A 57 -11.97 29.06 -9.67
CA PHE A 57 -10.87 29.49 -10.54
C PHE A 57 -11.33 30.31 -11.75
N GLU A 58 -12.62 30.17 -12.10
CA GLU A 58 -13.23 30.92 -13.18
C GLU A 58 -13.43 32.36 -12.72
N GLU A 59 -13.81 32.52 -11.44
CA GLU A 59 -13.99 33.84 -10.83
C GLU A 59 -12.63 34.45 -10.51
N LEU A 60 -11.66 33.60 -10.20
CA LEU A 60 -10.28 34.02 -9.94
C LEU A 60 -9.61 34.46 -11.22
N GLU A 61 -10.00 33.85 -12.35
CA GLU A 61 -9.48 34.18 -13.68
C GLU A 61 -9.90 35.59 -14.05
N ALA A 62 -11.21 35.87 -13.95
CA ALA A 62 -11.81 37.17 -14.27
C ALA A 62 -11.24 38.32 -13.44
N GLU A 63 -10.98 38.05 -12.16
CA GLU A 63 -10.42 39.04 -11.24
C GLU A 63 -8.95 39.32 -11.55
N PHE A 64 -8.20 38.27 -11.90
CA PHE A 64 -6.78 38.39 -12.22
C PHE A 64 -6.56 39.10 -13.56
N GLU A 65 -7.47 38.88 -14.51
CA GLU A 65 -7.42 39.54 -15.83
C GLU A 65 -7.85 41.00 -15.73
N ALA A 66 -8.62 41.33 -14.68
CA ALA A 66 -9.07 42.69 -14.43
C ALA A 66 -7.93 43.53 -13.86
N GLN A 67 -7.10 42.90 -13.04
CA GLN A 67 -5.93 43.55 -12.41
C GLN A 67 -4.75 43.64 -13.37
N HIS A 68 -4.68 42.69 -14.31
CA HIS A 68 -3.60 42.64 -15.31
C HIS A 68 -4.18 42.66 -16.73
N PRO A 69 -4.16 43.85 -17.37
CA PRO A 69 -4.69 44.15 -18.71
C PRO A 69 -4.32 43.20 -19.85
N GLY A 70 -3.03 43.00 -20.11
CA GLY A 70 -2.57 42.14 -21.20
C GLY A 70 -2.33 40.67 -20.88
N VAL A 71 -2.97 40.18 -19.82
CA VAL A 71 -2.80 38.79 -19.40
C VAL A 71 -4.02 37.92 -19.70
N ASP A 72 -3.77 36.84 -20.45
CA ASP A 72 -4.80 35.88 -20.82
C ASP A 72 -4.54 34.57 -20.05
N VAL A 73 -5.40 34.31 -19.06
CA VAL A 73 -5.30 33.12 -18.23
C VAL A 73 -5.94 31.95 -18.98
N GLN A 74 -5.15 30.91 -19.20
CA GLN A 74 -5.61 29.72 -19.92
C GLN A 74 -5.64 28.51 -18.98
N ARG A 75 -6.86 28.10 -18.62
CA ARG A 75 -7.08 26.98 -17.70
C ARG A 75 -7.46 25.66 -18.36
N GLU A 76 -6.83 24.59 -17.88
CA GLU A 76 -7.13 23.22 -18.32
C GLU A 76 -7.67 22.47 -17.11
N ALA A 77 -8.95 22.11 -17.18
CA ALA A 77 -9.59 21.36 -16.10
C ALA A 77 -9.54 19.89 -16.43
N ALA A 78 -9.06 19.11 -15.46
CA ALA A 78 -8.93 17.65 -15.56
C ALA A 78 -8.86 17.09 -14.14
N GLY A 79 -8.87 15.77 -14.02
CA GLY A 79 -8.72 15.11 -12.72
C GLY A 79 -7.34 15.46 -12.23
N SER A 80 -7.21 15.75 -10.94
CA SER A 80 -5.93 16.18 -10.35
C SER A 80 -4.73 15.28 -10.59
N ALA A 81 -4.96 13.96 -10.65
CA ALA A 81 -3.88 13.01 -10.89
C ALA A 81 -3.31 13.15 -12.30
N GLN A 82 -4.19 13.28 -13.29
CA GLN A 82 -3.74 13.47 -14.67
C GLN A 82 -3.27 14.91 -14.91
N SER A 83 -3.70 15.85 -14.06
CA SER A 83 -3.24 17.25 -14.12
C SER A 83 -1.76 17.27 -13.73
N VAL A 84 -1.41 16.47 -12.72
CA VAL A 84 -0.03 16.35 -12.24
C VAL A 84 0.81 15.58 -13.28
N ARG A 85 0.28 14.47 -13.77
CA ARG A 85 0.96 13.64 -14.78
C ARG A 85 1.31 14.33 -16.10
N LYS A 86 0.61 15.43 -16.43
CA LYS A 86 0.91 16.23 -17.63
C LYS A 86 2.29 16.86 -17.46
N ILE A 87 2.58 17.31 -16.25
CA ILE A 87 3.86 17.93 -15.89
C ILE A 87 4.96 16.88 -15.64
N THR A 88 4.65 15.89 -14.82
CA THR A 88 5.62 14.86 -14.42
C THR A 88 5.94 13.75 -15.41
N GLU A 89 5.07 13.53 -16.39
CA GLU A 89 5.28 12.46 -17.37
C GLU A 89 5.15 12.87 -18.84
N LEU A 90 4.25 13.82 -19.13
CA LEU A 90 4.03 14.27 -20.50
C LEU A 90 4.89 15.48 -20.91
N GLY A 91 5.71 15.96 -19.96
CA GLY A 91 6.61 17.09 -20.19
C GLY A 91 5.97 18.45 -20.45
N LYS A 92 4.70 18.59 -20.09
CA LYS A 92 3.97 19.86 -20.28
C LYS A 92 4.37 20.86 -19.19
N LYS A 93 4.38 22.13 -19.57
CA LYS A 93 4.76 23.21 -18.65
C LYS A 93 3.55 24.05 -18.23
N ALA A 94 3.38 24.19 -16.93
CA ALA A 94 2.30 24.97 -16.35
C ALA A 94 2.88 25.98 -15.38
N ASP A 95 2.16 27.09 -15.20
CA ASP A 95 2.56 28.14 -14.29
C ASP A 95 1.98 27.87 -12.91
N VAL A 96 0.74 27.37 -12.89
CA VAL A 96 0.02 27.06 -11.64
C VAL A 96 -0.60 25.66 -11.74
N LEU A 97 -0.38 24.85 -10.69
CA LEU A 97 -0.94 23.51 -10.58
C LEU A 97 -1.74 23.45 -9.28
N ALA A 98 -3.04 23.22 -9.42
CA ALA A 98 -3.93 23.14 -8.27
C ALA A 98 -4.64 21.78 -8.23
N SER A 99 -4.43 21.06 -7.13
CA SER A 99 -4.97 19.71 -6.94
C SER A 99 -6.03 19.59 -5.84
N ALA A 100 -6.92 18.61 -6.00
CA ALA A 100 -7.97 18.32 -5.03
C ALA A 100 -7.39 17.50 -3.87
N ASP A 101 -6.18 16.97 -4.08
CA ASP A 101 -5.47 16.20 -3.08
C ASP A 101 -4.06 16.77 -3.08
N TYR A 102 -3.76 17.55 -2.04
CA TYR A 102 -2.46 18.22 -1.87
C TYR A 102 -1.28 17.25 -1.92
N ALA A 103 -1.47 16.04 -1.39
CA ALA A 103 -0.44 15.00 -1.27
C ALA A 103 0.11 14.47 -2.57
N LEU A 104 -0.58 14.74 -3.68
CA LEU A 104 -0.13 14.33 -5.01
C LEU A 104 1.09 15.14 -5.45
N ILE A 105 1.25 16.33 -4.86
CA ILE A 105 2.39 17.20 -5.14
C ILE A 105 3.70 16.62 -4.54
N PRO A 106 3.74 16.34 -3.20
CA PRO A 106 5.02 15.77 -2.75
C PRO A 106 5.29 14.34 -3.19
N SER A 107 4.25 13.53 -3.40
CA SER A 107 4.42 12.14 -3.82
C SER A 107 4.80 11.98 -5.30
N LEU A 108 4.41 12.93 -6.14
CA LEU A 108 4.69 12.83 -7.58
C LEU A 108 5.60 13.90 -8.17
N MET A 109 5.49 15.15 -7.70
CA MET A 109 6.27 16.27 -8.24
C MET A 109 7.58 16.59 -7.53
N VAL A 110 7.57 16.54 -6.20
CA VAL A 110 8.75 16.83 -5.37
C VAL A 110 9.80 15.71 -5.50
N PRO A 111 11.09 16.06 -5.75
CA PRO A 111 11.64 17.43 -5.88
C PRO A 111 11.93 17.97 -7.29
N GLU A 112 11.86 17.12 -8.31
CA GLU A 112 12.16 17.50 -9.70
C GLU A 112 11.28 18.61 -10.29
N TYR A 113 9.98 18.52 -10.09
CA TYR A 113 9.05 19.51 -10.63
C TYR A 113 8.46 20.49 -9.62
N ALA A 114 8.68 20.24 -8.33
CA ALA A 114 8.19 21.14 -7.28
C ALA A 114 9.11 21.17 -6.07
N ASP A 115 9.24 22.35 -5.48
CA ASP A 115 10.06 22.55 -4.30
C ASP A 115 9.21 22.93 -3.08
N TRP A 116 7.96 23.32 -3.35
CA TRP A 116 7.01 23.72 -2.32
C TRP A 116 5.57 23.48 -2.73
N TYR A 117 4.65 23.60 -1.77
CA TYR A 117 3.21 23.46 -1.97
C TYR A 117 2.46 24.07 -0.80
N ALA A 118 1.21 24.49 -1.03
CA ALA A 118 0.39 25.09 0.01
C ALA A 118 -1.05 24.58 0.02
N ALA A 119 -1.48 24.15 1.21
CA ALA A 119 -2.82 23.65 1.46
C ALA A 119 -3.73 24.87 1.60
N PHE A 120 -4.69 25.02 0.69
CA PHE A 120 -5.54 26.21 0.68
C PHE A 120 -7.04 26.04 0.91
N ALA A 121 -7.58 24.84 0.65
CA ALA A 121 -9.02 24.60 0.82
C ALA A 121 -9.36 23.21 1.34
N ARG A 122 -10.63 23.04 1.69
CA ARG A 122 -11.17 21.79 2.24
C ARG A 122 -12.44 21.45 1.48
N ASN A 123 -12.89 20.20 1.59
CA ASN A 123 -14.15 19.79 0.96
C ASN A 123 -14.76 18.59 1.69
N GLN A 124 -15.88 18.10 1.18
CA GLN A 124 -16.60 16.99 1.81
C GLN A 124 -17.27 16.10 0.77
N MET A 125 -17.04 14.79 0.87
CA MET A 125 -17.68 13.83 -0.05
C MET A 125 -19.14 13.65 0.35
N ILE A 126 -20.02 13.77 -0.63
CA ILE A 126 -21.46 13.58 -0.44
C ILE A 126 -22.01 12.71 -1.57
N LEU A 127 -23.31 12.42 -1.49
CA LEU A 127 -23.98 11.64 -2.52
C LEU A 127 -25.09 12.57 -3.00
N ALA A 128 -24.89 13.15 -4.19
CA ALA A 128 -25.83 14.12 -4.76
C ALA A 128 -26.97 13.53 -5.59
N TYR A 129 -28.11 14.22 -5.58
CA TYR A 129 -29.31 13.81 -6.32
C TYR A 129 -30.23 15.01 -6.63
N THR A 130 -31.31 14.76 -7.38
CA THR A 130 -32.31 15.80 -7.70
C THR A 130 -33.69 15.23 -7.45
N ASN A 131 -34.72 16.05 -7.69
CA ASN A 131 -36.11 15.64 -7.52
C ASN A 131 -36.50 14.44 -8.41
N GLU A 132 -35.94 14.40 -9.62
CA GLU A 132 -36.22 13.33 -10.59
C GLU A 132 -35.64 11.95 -10.25
N SER A 133 -34.60 11.92 -9.41
CA SER A 133 -33.95 10.68 -8.97
C SER A 133 -34.90 9.80 -8.19
N LYS A 134 -34.89 8.51 -8.52
CA LYS A 134 -35.76 7.51 -7.86
C LYS A 134 -35.36 7.37 -6.39
N TYR A 135 -36.37 7.22 -5.54
CA TYR A 135 -36.24 7.07 -4.07
C TYR A 135 -35.58 8.31 -3.45
N GLY A 136 -35.94 9.48 -4.00
CA GLY A 136 -35.41 10.78 -3.57
C GLY A 136 -35.83 11.23 -2.18
N ASP A 137 -37.14 11.28 -1.97
CA ASP A 137 -37.71 11.69 -0.68
C ASP A 137 -37.55 10.63 0.43
N GLU A 138 -37.08 9.44 0.04
CA GLU A 138 -36.89 8.33 0.97
C GLU A 138 -35.43 8.02 1.35
N ILE A 139 -34.47 8.66 0.67
CA ILE A 139 -33.04 8.42 0.97
C ILE A 139 -32.45 9.37 2.03
N ASN A 140 -31.75 8.76 2.99
CA ASN A 140 -31.08 9.50 4.06
C ASN A 140 -29.68 8.92 4.36
N THR A 141 -29.09 9.36 5.47
CA THR A 141 -27.76 8.95 5.92
C THR A 141 -27.67 7.48 6.34
N ASP A 142 -28.76 6.95 6.90
CA ASP A 142 -28.79 5.56 7.39
C ASP A 142 -29.18 4.46 6.39
N ASN A 143 -29.38 4.80 5.12
CA ASN A 143 -29.76 3.80 4.12
C ASN A 143 -29.26 4.03 2.69
N TRP A 144 -28.42 5.05 2.51
CA TRP A 144 -27.91 5.40 1.18
C TRP A 144 -27.36 4.24 0.34
N TYR A 145 -26.58 3.36 0.97
CA TYR A 145 -25.99 2.20 0.32
C TYR A 145 -27.03 1.14 -0.02
N GLU A 146 -28.06 1.02 0.82
CA GLU A 146 -29.16 0.07 0.61
C GLU A 146 -29.96 0.48 -0.62
N ILE A 147 -30.07 1.79 -0.84
CA ILE A 147 -30.76 2.37 -1.99
C ILE A 147 -29.92 2.09 -3.26
N LEU A 148 -28.61 2.24 -3.16
CA LEU A 148 -27.70 2.01 -4.29
C LEU A 148 -27.61 0.53 -4.69
N ARG A 149 -27.95 -0.36 -3.76
CA ARG A 149 -27.99 -1.82 -4.00
C ARG A 149 -29.13 -2.26 -4.90
N ARG A 150 -30.17 -1.43 -5.00
CA ARG A 150 -31.34 -1.71 -5.84
C ARG A 150 -30.97 -1.73 -7.33
N PRO A 151 -31.40 -2.79 -8.06
CA PRO A 151 -31.12 -3.00 -9.50
C PRO A 151 -31.58 -1.90 -10.45
N ASP A 152 -32.60 -1.13 -10.06
CA ASP A 152 -33.12 -0.04 -10.88
C ASP A 152 -32.38 1.29 -10.66
N VAL A 153 -31.65 1.37 -9.55
CA VAL A 153 -30.89 2.57 -9.18
C VAL A 153 -29.52 2.60 -9.86
N ARG A 154 -29.25 3.72 -10.54
CA ARG A 154 -27.98 3.93 -11.24
C ARG A 154 -27.23 5.07 -10.57
N TYR A 155 -25.92 4.91 -10.42
CA TYR A 155 -25.06 5.91 -9.77
C TYR A 155 -23.75 6.18 -10.51
N GLY A 156 -23.18 7.35 -10.27
CA GLY A 156 -21.95 7.74 -10.94
C GLY A 156 -20.78 8.16 -10.08
N PHE A 157 -19.59 7.98 -10.64
CA PHE A 157 -18.32 8.37 -10.03
C PHE A 157 -17.27 8.50 -11.12
N SER A 158 -16.24 9.30 -10.87
CA SER A 158 -15.19 9.49 -11.86
C SER A 158 -14.12 8.41 -11.82
N ASN A 159 -13.21 8.47 -12.79
CA ASN A 159 -12.11 7.51 -12.95
C ASN A 159 -11.10 7.68 -11.81
N PRO A 160 -10.93 6.63 -10.97
CA PRO A 160 -10.00 6.64 -9.83
C PRO A 160 -8.52 6.73 -10.22
N ASN A 161 -8.21 6.39 -11.48
CA ASN A 161 -6.85 6.50 -12.00
C ASN A 161 -6.48 7.94 -12.32
N ASP A 162 -7.50 8.76 -12.58
CA ASP A 162 -7.31 10.15 -12.98
C ASP A 162 -7.79 11.20 -12.01
N ASP A 163 -8.82 10.90 -11.23
CA ASP A 163 -9.47 11.89 -10.40
C ASP A 163 -9.59 11.52 -8.91
N PRO A 164 -9.25 12.47 -7.99
CA PRO A 164 -9.40 12.26 -6.56
C PRO A 164 -10.79 11.85 -6.14
N ALA A 165 -11.82 12.53 -6.67
CA ALA A 165 -13.23 12.21 -6.40
C ALA A 165 -13.58 10.80 -6.86
N GLY A 166 -12.79 10.28 -7.80
CA GLY A 166 -12.95 8.94 -8.32
C GLY A 166 -12.45 7.91 -7.33
N TYR A 167 -11.26 8.12 -6.78
CA TYR A 167 -10.74 7.15 -5.81
C TYR A 167 -11.34 7.32 -4.42
N ARG A 168 -11.76 8.55 -4.11
CA ARG A 168 -12.41 8.88 -2.85
C ARG A 168 -13.80 8.26 -2.77
N SER A 169 -14.42 8.02 -3.92
CA SER A 169 -15.75 7.39 -3.99
C SER A 169 -15.64 5.93 -3.54
N GLN A 170 -14.49 5.33 -3.84
CA GLN A 170 -14.18 3.95 -3.47
C GLN A 170 -13.83 3.90 -1.97
N MET A 171 -13.16 4.93 -1.49
CA MET A 171 -12.77 5.08 -0.09
C MET A 171 -13.99 5.21 0.82
N VAL A 172 -14.96 6.04 0.40
CA VAL A 172 -16.20 6.26 1.13
C VAL A 172 -17.03 4.96 1.28
N THR A 173 -17.15 4.24 0.17
CA THR A 173 -17.91 2.99 0.10
C THR A 173 -17.28 1.87 0.92
N GLN A 174 -15.94 1.80 0.90
CA GLN A 174 -15.22 0.76 1.64
C GLN A 174 -15.29 1.02 3.15
N LEU A 175 -15.09 2.28 3.56
CA LEU A 175 -15.16 2.68 4.97
C LEU A 175 -16.56 2.54 5.57
N ALA A 176 -17.57 2.52 4.71
CA ALA A 176 -18.97 2.35 5.09
C ALA A 176 -19.23 0.95 5.65
N GLU A 177 -18.40 -0.02 5.28
CA GLU A 177 -18.53 -1.40 5.76
C GLU A 177 -18.35 -1.53 7.27
N SER A 178 -17.29 -0.93 7.79
CA SER A 178 -16.98 -0.97 9.21
C SER A 178 -17.88 -0.06 10.06
N TYR A 179 -18.38 1.02 9.44
CA TYR A 179 -19.25 1.96 10.14
C TYR A 179 -20.66 1.40 10.36
N TYR A 180 -21.26 0.90 9.28
CA TYR A 180 -22.61 0.35 9.32
C TYR A 180 -22.72 -1.14 9.67
N ASN A 181 -21.58 -1.78 9.92
CA ASN A 181 -21.47 -3.22 10.25
C ASN A 181 -22.05 -4.12 9.16
N ASP A 182 -21.53 -3.95 7.95
CA ASP A 182 -21.97 -4.71 6.77
C ASP A 182 -20.77 -4.90 5.84
N ASP A 183 -20.13 -6.07 5.94
CA ASP A 183 -18.94 -6.39 5.13
C ASP A 183 -19.17 -6.69 3.64
N MET A 184 -20.34 -6.33 3.12
CA MET A 184 -20.69 -6.57 1.72
C MET A 184 -21.00 -5.31 0.89
N ILE A 185 -20.92 -4.14 1.52
CA ILE A 185 -21.21 -2.85 0.85
C ILE A 185 -20.29 -2.58 -0.35
N TYR A 186 -18.98 -2.72 -0.15
CA TYR A 186 -18.03 -2.46 -1.24
C TYR A 186 -18.09 -3.53 -2.35
N ASP A 187 -18.41 -4.75 -1.97
CA ASP A 187 -18.51 -5.87 -2.91
C ASP A 187 -19.74 -5.71 -3.82
N ASP A 188 -20.89 -5.44 -3.22
CA ASP A 188 -22.16 -5.27 -3.95
C ASP A 188 -22.17 -4.09 -4.93
N LEU A 189 -21.69 -2.94 -4.46
CA LEU A 189 -21.69 -1.73 -5.26
C LEU A 189 -20.54 -1.57 -6.24
N MET A 190 -19.33 -1.93 -5.82
CA MET A 190 -18.16 -1.74 -6.67
C MET A 190 -17.53 -2.98 -7.30
N LEU A 191 -17.13 -3.95 -6.47
CA LEU A 191 -16.49 -5.20 -6.95
C LEU A 191 -17.30 -6.01 -7.96
N ALA A 192 -18.61 -6.11 -7.73
CA ALA A 192 -19.50 -6.87 -8.61
C ALA A 192 -19.94 -6.10 -9.86
N ASN A 193 -19.70 -4.80 -9.86
CA ASN A 193 -20.09 -3.94 -10.99
C ASN A 193 -18.94 -3.35 -11.81
N THR A 194 -17.71 -3.53 -11.35
CA THR A 194 -16.52 -3.01 -12.06
C THR A 194 -15.37 -4.01 -12.09
N GLY A 195 -14.22 -3.54 -12.58
CA GLY A 195 -12.99 -4.32 -12.67
C GLY A 195 -12.13 -4.14 -11.42
N MET A 196 -12.57 -3.29 -10.50
CA MET A 196 -11.86 -3.08 -9.23
C MET A 196 -11.77 -4.37 -8.43
N THR A 197 -10.60 -4.57 -7.81
CA THR A 197 -10.34 -5.73 -6.94
C THR A 197 -9.88 -5.19 -5.59
N LEU A 198 -9.92 -6.04 -4.57
CA LEU A 198 -9.50 -5.62 -3.23
C LEU A 198 -8.73 -6.71 -2.49
N THR A 199 -7.64 -6.29 -1.85
CA THR A 199 -6.81 -7.17 -1.02
C THR A 199 -6.71 -6.55 0.37
N THR A 200 -6.38 -7.37 1.36
CA THR A 200 -6.22 -6.90 2.73
C THR A 200 -4.73 -6.91 3.04
N GLU A 201 -4.23 -5.76 3.49
CA GLU A 201 -2.82 -5.62 3.84
C GLU A 201 -2.55 -6.24 5.21
N GLU A 202 -1.28 -6.39 5.55
CA GLU A 202 -0.86 -7.00 6.84
C GLU A 202 -1.23 -6.23 8.11
N ASN A 203 -1.54 -4.95 7.97
CA ASN A 203 -1.94 -4.12 9.11
C ASN A 203 -3.45 -3.97 9.23
N GLY A 204 -4.19 -4.67 8.36
CA GLY A 204 -5.65 -4.62 8.35
C GLY A 204 -6.23 -3.57 7.41
N THR A 205 -5.35 -2.83 6.75
CA THR A 205 -5.73 -1.78 5.80
C THR A 205 -6.26 -2.43 4.53
N ALA A 206 -7.37 -1.90 4.02
CA ALA A 206 -7.97 -2.41 2.79
C ALA A 206 -7.33 -1.71 1.60
N LEU A 207 -6.91 -2.49 0.61
CA LEU A 207 -6.29 -1.92 -0.58
C LEU A 207 -7.07 -2.26 -1.84
N ILE A 208 -7.57 -1.20 -2.47
CA ILE A 208 -8.34 -1.26 -3.69
C ILE A 208 -7.42 -1.13 -4.92
N HIS A 209 -7.49 -2.09 -5.81
CA HIS A 209 -6.68 -2.08 -7.03
C HIS A 209 -7.56 -1.65 -8.18
N VAL A 210 -7.13 -0.59 -8.86
CA VAL A 210 -7.86 -0.09 -10.02
C VAL A 210 -7.08 -0.57 -11.23
N PRO A 211 -7.74 -1.32 -12.14
CA PRO A 211 -7.05 -1.83 -13.33
C PRO A 211 -6.86 -0.72 -14.37
N ALA A 212 -6.49 -1.11 -15.59
CA ALA A 212 -6.33 -0.15 -16.68
C ALA A 212 -7.67 0.53 -16.88
N SER A 213 -7.64 1.82 -17.23
CA SER A 213 -8.85 2.62 -17.39
C SER A 213 -9.95 2.05 -18.30
N GLU A 214 -9.55 1.32 -19.33
CA GLU A 214 -10.50 0.67 -20.24
C GLU A 214 -11.00 -0.67 -19.67
N GLU A 215 -10.20 -1.26 -18.78
CA GLU A 215 -10.54 -2.54 -18.13
C GLU A 215 -11.32 -2.40 -16.82
N ILE A 216 -11.80 -1.19 -16.52
CA ILE A 216 -12.62 -0.95 -15.34
C ILE A 216 -13.96 -1.62 -15.65
N SER A 217 -14.39 -1.48 -16.91
CA SER A 217 -15.61 -2.09 -17.48
C SER A 217 -16.82 -2.05 -16.54
N PRO A 218 -17.44 -0.87 -16.36
CA PRO A 218 -18.56 -0.78 -15.44
C PRO A 218 -19.85 -1.37 -16.00
N ASN A 219 -20.70 -1.86 -15.09
CA ASN A 219 -22.00 -2.40 -15.44
C ASN A 219 -22.84 -1.18 -15.76
N THR A 220 -23.18 -1.03 -17.05
CA THR A 220 -23.96 0.10 -17.58
C THR A 220 -25.31 0.33 -16.91
N SER A 221 -25.90 -0.75 -16.40
CA SER A 221 -27.18 -0.70 -15.69
C SER A 221 -27.03 -0.10 -14.30
N LYS A 222 -25.83 -0.20 -13.73
CA LYS A 222 -25.56 0.30 -12.39
C LYS A 222 -24.66 1.52 -12.29
N ILE A 223 -23.65 1.60 -13.17
CA ILE A 223 -22.64 2.65 -13.11
C ILE A 223 -22.30 3.43 -14.40
N MET A 224 -22.19 4.75 -14.25
CA MET A 224 -21.74 5.64 -15.31
C MET A 224 -20.41 6.21 -14.81
N LEU A 225 -19.39 6.12 -15.66
CA LEU A 225 -18.05 6.54 -15.29
C LEU A 225 -17.44 7.58 -16.24
N ARG A 226 -16.98 8.71 -15.68
CA ARG A 226 -16.33 9.77 -16.46
C ARG A 226 -14.87 9.90 -16.08
N SER A 227 -14.15 10.76 -16.81
CA SER A 227 -12.74 11.00 -16.55
C SER A 227 -12.61 11.87 -15.29
N MET A 228 -13.47 12.89 -15.18
CA MET A 228 -13.48 13.78 -14.03
C MET A 228 -14.93 13.87 -13.50
N GLU A 229 -15.07 14.17 -12.22
CA GLU A 229 -16.37 14.22 -11.53
C GLU A 229 -17.39 15.26 -12.01
N VAL A 230 -16.91 16.42 -12.48
CA VAL A 230 -17.81 17.50 -12.93
C VAL A 230 -18.51 17.28 -14.27
N GLU A 231 -18.04 16.29 -15.03
CA GLU A 231 -18.67 15.95 -16.32
C GLU A 231 -19.92 15.10 -16.09
N LEU A 232 -20.02 14.55 -14.89
CA LEU A 232 -21.15 13.75 -14.45
C LEU A 232 -22.31 14.59 -13.92
N SER A 233 -22.09 15.90 -13.82
CA SER A 233 -23.12 16.83 -13.35
C SER A 233 -24.28 16.87 -14.33
N SER A 234 -23.97 16.84 -15.62
CA SER A 234 -24.97 16.84 -16.70
C SER A 234 -25.82 15.58 -16.70
N ALA A 235 -25.23 14.46 -16.26
CA ALA A 235 -25.91 13.17 -16.18
C ALA A 235 -26.96 13.17 -15.06
N LEU A 236 -26.63 13.82 -13.94
CA LEU A 236 -27.53 13.91 -12.78
C LEU A 236 -28.69 14.86 -13.06
N GLU A 237 -28.41 15.93 -13.80
CA GLU A 237 -29.43 16.94 -14.16
C GLU A 237 -30.54 16.40 -15.06
N THR A 238 -30.19 15.52 -15.99
CA THR A 238 -31.17 14.93 -16.91
C THR A 238 -31.90 13.74 -16.28
N GLY A 239 -31.24 13.08 -15.33
CA GLY A 239 -31.80 11.91 -14.67
C GLY A 239 -31.28 10.64 -15.32
N GLU A 240 -30.09 10.76 -15.92
CA GLU A 240 -29.42 9.65 -16.61
C GLU A 240 -28.82 8.76 -15.52
N ILE A 241 -28.54 9.38 -14.36
CA ILE A 241 -28.07 8.72 -13.14
C ILE A 241 -28.91 9.27 -11.99
N ASP A 242 -29.13 8.44 -10.98
CA ASP A 242 -29.94 8.83 -9.82
C ASP A 242 -29.08 9.46 -8.73
N TYR A 243 -27.90 8.90 -8.48
CA TYR A 243 -27.02 9.39 -7.42
C TYR A 243 -25.58 9.62 -7.89
N LEU A 244 -24.90 10.58 -7.27
CA LEU A 244 -23.53 10.92 -7.67
C LEU A 244 -22.54 11.16 -6.54
N TYR A 245 -21.43 10.42 -6.59
CA TYR A 245 -20.35 10.58 -5.62
C TYR A 245 -19.58 11.81 -6.05
N ILE A 246 -19.76 12.91 -5.30
CA ILE A 246 -19.12 14.18 -5.63
C ILE A 246 -18.94 15.05 -4.38
N TYR A 247 -18.22 16.16 -4.53
CA TYR A 247 -17.97 17.08 -3.41
C TYR A 247 -19.19 17.91 -3.06
N ARG A 248 -19.21 18.39 -1.81
CA ARG A 248 -20.30 19.21 -1.28
C ARG A 248 -20.38 20.55 -2.00
N SER A 249 -19.21 21.13 -2.29
CA SER A 249 -19.09 22.40 -2.98
C SER A 249 -19.74 22.37 -4.35
N VAL A 250 -19.49 21.29 -5.11
CA VAL A 250 -20.03 21.10 -6.47
C VAL A 250 -21.56 20.94 -6.43
N ALA A 251 -22.06 20.27 -5.38
CA ALA A 251 -23.51 20.07 -5.18
C ALA A 251 -24.19 21.41 -4.90
N GLU A 252 -23.51 22.27 -4.15
CA GLU A 252 -24.03 23.59 -3.82
C GLU A 252 -23.89 24.56 -5.01
N GLN A 253 -22.83 24.36 -5.81
CA GLN A 253 -22.57 25.17 -7.01
C GLN A 253 -23.58 24.89 -8.12
N HIS A 254 -24.11 23.68 -8.14
CA HIS A 254 -25.10 23.26 -9.14
C HIS A 254 -26.53 23.27 -8.60
N GLY A 255 -26.68 23.27 -7.28
CA GLY A 255 -28.00 23.29 -6.63
C GLY A 255 -28.65 21.93 -6.46
N PHE A 256 -27.83 20.89 -6.30
CA PHE A 256 -28.34 19.53 -6.10
C PHE A 256 -28.65 19.23 -4.64
N GLU A 257 -29.63 18.35 -4.42
CA GLU A 257 -29.97 17.87 -3.09
C GLU A 257 -28.90 16.81 -2.80
N TYR A 258 -28.52 16.66 -1.54
CA TYR A 258 -27.49 15.67 -1.21
C TYR A 258 -27.69 14.97 0.14
N VAL A 259 -26.94 13.89 0.32
CA VAL A 259 -26.97 13.11 1.55
C VAL A 259 -25.67 13.39 2.31
N ALA A 260 -25.80 13.93 3.51
CA ALA A 260 -24.66 14.23 4.37
C ALA A 260 -24.18 12.93 5.00
N LEU A 261 -23.12 12.37 4.42
CA LEU A 261 -22.51 11.12 4.85
C LEU A 261 -21.83 11.30 6.22
N PRO A 262 -21.75 10.21 7.04
CA PRO A 262 -21.12 10.30 8.36
C PRO A 262 -19.68 10.77 8.29
N PRO A 263 -19.29 11.69 9.21
CA PRO A 263 -17.94 12.26 9.32
C PRO A 263 -16.82 11.21 9.40
N ALA A 264 -17.16 10.00 9.83
CA ALA A 264 -16.20 8.91 9.95
C ALA A 264 -15.80 8.33 8.60
N ILE A 265 -16.62 8.56 7.56
CA ILE A 265 -16.34 8.01 6.22
C ILE A 265 -16.30 9.04 5.07
N ASP A 266 -16.79 10.27 5.29
CA ASP A 266 -16.87 11.27 4.20
C ASP A 266 -15.63 12.10 3.84
N LEU A 267 -14.53 11.84 4.53
CA LEU A 267 -13.22 12.52 4.34
C LEU A 267 -13.27 14.04 4.57
N SER A 268 -14.12 14.49 5.49
CA SER A 268 -14.29 15.92 5.78
C SER A 268 -13.68 16.40 7.10
N SER A 269 -13.51 15.48 8.05
CA SER A 269 -12.99 15.84 9.37
C SER A 269 -11.56 15.42 9.66
N LEU A 270 -10.80 16.32 10.28
CA LEU A 270 -9.40 16.10 10.65
C LEU A 270 -9.26 15.10 11.80
N GLU A 271 -10.31 15.01 12.63
CA GLU A 271 -10.34 14.12 13.79
C GLU A 271 -10.49 12.64 13.40
N TYR A 272 -11.11 12.37 12.25
CA TYR A 272 -11.29 11.00 11.75
C TYR A 272 -10.21 10.54 10.76
N ALA A 273 -9.06 11.21 10.78
CA ALA A 273 -7.92 10.90 9.90
C ALA A 273 -7.37 9.49 10.06
N ASP A 274 -7.38 8.98 11.29
CA ASP A 274 -6.91 7.63 11.61
C ASP A 274 -7.86 6.57 11.05
N ASN A 275 -9.15 6.88 10.99
CA ASN A 275 -10.15 5.98 10.45
C ASN A 275 -10.06 5.96 8.92
N TYR A 276 -9.87 7.14 8.31
CA TYR A 276 -9.78 7.26 6.85
C TYR A 276 -8.57 6.52 6.28
N SER A 277 -7.47 6.52 7.05
CA SER A 277 -6.20 5.87 6.65
C SER A 277 -6.25 4.35 6.52
N LYS A 278 -7.36 3.74 6.92
CA LYS A 278 -7.54 2.29 6.85
C LYS A 278 -8.04 1.79 5.48
N VAL A 279 -8.09 2.71 4.51
CA VAL A 279 -8.46 2.39 3.13
C VAL A 279 -7.45 3.07 2.20
N GLN A 280 -6.96 2.31 1.24
CA GLN A 280 -6.01 2.82 0.25
C GLN A 280 -6.40 2.38 -1.14
N VAL A 281 -6.05 3.20 -2.13
CA VAL A 281 -6.36 2.91 -3.52
C VAL A 281 -5.08 2.93 -4.36
N GLU A 282 -4.81 1.82 -5.03
CA GLU A 282 -3.65 1.75 -5.89
C GLU A 282 -4.07 1.90 -7.35
N MET A 283 -3.46 2.88 -8.02
CA MET A 283 -3.72 3.14 -9.43
C MET A 283 -3.01 2.11 -10.29
N VAL A 284 -3.35 2.07 -11.58
CA VAL A 284 -2.78 1.13 -12.56
C VAL A 284 -1.24 1.27 -12.69
N ASN A 285 -0.73 2.49 -12.52
CA ASN A 285 0.71 2.77 -12.60
C ASN A 285 1.50 2.46 -11.32
N GLY A 286 0.81 1.96 -10.30
CA GLY A 286 1.44 1.60 -9.03
C GLY A 286 1.42 2.66 -7.94
N GLU A 287 0.85 3.83 -8.25
CA GLU A 287 0.77 4.91 -7.28
C GLU A 287 -0.35 4.64 -6.28
N VAL A 288 -0.04 4.80 -5.00
CA VAL A 288 -0.99 4.55 -3.93
C VAL A 288 -1.41 5.83 -3.23
N VAL A 289 -2.71 6.04 -3.18
CA VAL A 289 -3.31 7.18 -2.51
C VAL A 289 -3.99 6.67 -1.23
N THR A 290 -3.90 7.46 -0.16
CA THR A 290 -4.43 7.06 1.15
C THR A 290 -5.64 7.91 1.53
N GLY A 291 -6.61 7.27 2.20
CA GLY A 291 -7.80 7.95 2.69
C GLY A 291 -7.35 8.95 3.73
N SER A 292 -7.74 10.20 3.52
CA SER A 292 -7.36 11.31 4.40
C SER A 292 -8.38 12.43 4.25
N PRO A 293 -8.38 13.42 5.16
CA PRO A 293 -9.30 14.55 4.98
C PRO A 293 -9.00 15.28 3.68
N ILE A 294 -10.05 15.65 2.94
CA ILE A 294 -9.92 16.34 1.67
C ILE A 294 -9.29 17.71 1.87
N VAL A 295 -8.07 17.84 1.35
CA VAL A 295 -7.29 19.07 1.45
C VAL A 295 -6.72 19.39 0.06
N TYR A 296 -7.12 20.55 -0.45
CA TYR A 296 -6.68 21.05 -1.75
C TYR A 296 -5.29 21.67 -1.63
N GLY A 297 -4.45 21.44 -2.65
CA GLY A 297 -3.09 21.97 -2.67
C GLY A 297 -2.73 22.69 -3.94
N VAL A 298 -1.91 23.73 -3.81
CA VAL A 298 -1.47 24.52 -4.97
C VAL A 298 0.07 24.66 -4.97
N THR A 299 0.65 24.73 -6.17
CA THR A 299 2.09 24.93 -6.35
C THR A 299 2.40 25.59 -7.69
N ILE A 300 3.60 26.17 -7.76
CA ILE A 300 4.12 26.77 -8.98
C ILE A 300 5.27 25.84 -9.36
N PRO A 301 5.11 25.10 -10.48
CA PRO A 301 6.13 24.17 -10.97
C PRO A 301 7.50 24.80 -11.19
N ASN A 302 8.55 23.99 -11.02
CA ASN A 302 9.95 24.43 -11.18
C ASN A 302 10.33 24.87 -12.60
N ASN A 303 9.61 24.33 -13.58
CA ASN A 303 9.85 24.65 -14.99
C ASN A 303 8.77 25.56 -15.59
N ALA A 304 8.15 26.38 -14.74
CA ALA A 304 7.11 27.32 -15.15
C ALA A 304 7.72 28.42 -16.00
N GLU A 305 7.00 28.77 -17.07
CA GLU A 305 7.46 29.80 -18.01
C GLU A 305 7.25 31.20 -17.44
N ASN A 306 6.08 31.45 -16.85
CA ASN A 306 5.74 32.74 -16.26
C ASN A 306 5.59 32.63 -14.75
N SER A 307 6.67 32.24 -14.08
CA SER A 307 6.71 32.07 -12.62
C SER A 307 6.46 33.35 -11.82
N GLU A 308 6.79 34.49 -12.42
CA GLU A 308 6.61 35.81 -11.83
C GLU A 308 5.11 36.12 -11.77
N LEU A 309 4.44 35.84 -12.89
CA LEU A 309 3.01 36.05 -13.05
C LEU A 309 2.21 35.03 -12.24
N ALA A 310 2.77 33.83 -12.12
CA ALA A 310 2.17 32.72 -11.36
C ALA A 310 2.10 33.08 -9.88
N THR A 311 3.17 33.72 -9.39
CA THR A 311 3.29 34.18 -8.00
C THR A 311 2.13 35.11 -7.64
N GLU A 312 1.83 36.05 -8.55
CA GLU A 312 0.73 37.01 -8.36
C GLU A 312 -0.66 36.34 -8.37
N PHE A 313 -0.80 35.26 -9.13
CA PHE A 313 -2.06 34.51 -9.22
C PHE A 313 -2.28 33.72 -7.93
N VAL A 314 -1.22 33.11 -7.42
CA VAL A 314 -1.25 32.32 -6.19
C VAL A 314 -1.44 33.27 -4.99
N ALA A 315 -0.90 34.49 -5.11
CA ALA A 315 -1.04 35.54 -4.08
C ALA A 315 -2.48 35.98 -3.95
N LEU A 316 -3.16 36.05 -5.10
CA LEU A 316 -4.57 36.43 -5.16
C LEU A 316 -5.40 35.27 -4.61
N LEU A 317 -4.95 34.04 -4.89
CA LEU A 317 -5.60 32.81 -4.42
C LEU A 317 -5.53 32.65 -2.89
N LEU A 318 -4.34 32.84 -2.33
CA LEU A 318 -4.11 32.69 -0.88
C LEU A 318 -4.47 33.95 -0.08
N GLY A 319 -4.67 35.06 -0.78
CA GLY A 319 -5.04 36.33 -0.15
C GLY A 319 -6.53 36.35 0.15
N GLU A 320 -6.97 37.42 0.83
CA GLU A 320 -8.38 37.62 1.24
C GLU A 320 -9.42 37.51 0.12
N THR A 321 -9.06 37.97 -1.08
CA THR A 321 -9.94 37.93 -2.26
C THR A 321 -10.25 36.49 -2.67
N GLY A 322 -9.22 35.64 -2.66
CA GLY A 322 -9.38 34.23 -3.00
C GLY A 322 -10.22 33.48 -1.98
N GLN A 323 -10.02 33.83 -0.71
CA GLN A 323 -10.74 33.26 0.42
C GLN A 323 -12.25 33.48 0.31
N GLN A 324 -12.66 34.69 -0.05
CA GLN A 324 -14.07 35.05 -0.21
C GLN A 324 -14.73 34.40 -1.43
N ILE A 325 -13.93 34.13 -2.47
CA ILE A 325 -14.41 33.47 -3.70
C ILE A 325 -14.80 32.02 -3.35
N PHE A 326 -13.98 31.37 -2.52
CA PHE A 326 -14.26 30.00 -2.07
C PHE A 326 -15.48 29.89 -1.15
N ILE A 327 -15.61 30.84 -0.21
CA ILE A 327 -16.75 30.88 0.74
C ILE A 327 -18.07 31.05 -0.02
N GLU A 328 -18.07 31.95 -1.02
CA GLU A 328 -19.25 32.21 -1.85
C GLU A 328 -19.60 31.05 -2.80
N ASN A 329 -18.65 30.15 -3.01
CA ASN A 329 -18.85 28.97 -3.87
C ASN A 329 -19.02 27.65 -3.11
N GLY A 330 -19.25 27.76 -1.80
CA GLY A 330 -19.47 26.61 -0.93
C GLY A 330 -18.29 25.69 -0.63
N GLN A 331 -17.08 26.24 -0.74
CA GLN A 331 -15.86 25.47 -0.46
C GLN A 331 -15.09 26.18 0.65
N PRO A 332 -14.95 25.54 1.84
CA PRO A 332 -14.25 26.19 2.94
C PRO A 332 -12.72 26.30 2.73
N PRO A 333 -12.17 27.52 2.84
CA PRO A 333 -10.73 27.70 2.67
C PRO A 333 -9.92 27.52 3.95
N ILE A 334 -8.66 27.14 3.80
CA ILE A 334 -7.75 26.97 4.94
C ILE A 334 -7.09 28.33 5.13
N VAL A 335 -7.54 29.06 6.14
CA VAL A 335 -7.02 30.40 6.42
C VAL A 335 -6.46 30.45 7.85
N PRO A 336 -5.13 30.65 7.99
CA PRO A 336 -4.15 30.84 6.93
C PRO A 336 -3.74 29.54 6.25
N ALA A 337 -3.26 29.65 5.01
CA ALA A 337 -2.83 28.51 4.21
C ALA A 337 -1.64 27.83 4.87
N ILE A 338 -1.59 26.50 4.77
CA ILE A 338 -0.50 25.74 5.37
C ILE A 338 0.43 25.30 4.26
N ALA A 339 1.68 25.76 4.35
CA ALA A 339 2.67 25.45 3.33
C ALA A 339 3.84 24.62 3.81
N GLU A 340 4.47 23.93 2.87
CA GLU A 340 5.61 23.10 3.15
C GLU A 340 6.70 23.51 2.17
N GLY A 341 7.94 23.56 2.65
CA GLY A 341 9.08 23.96 1.83
C GLY A 341 9.08 25.46 1.60
N LYS A 342 8.84 26.20 2.68
CA LYS A 342 8.78 27.68 2.66
C LYS A 342 10.07 28.39 2.24
N ASP A 343 11.21 27.72 2.39
CA ASP A 343 12.52 28.27 2.01
C ASP A 343 12.72 28.33 0.49
N SER A 344 11.82 27.69 -0.24
CA SER A 344 11.85 27.67 -1.70
C SER A 344 10.72 28.52 -2.29
N MET A 345 9.76 28.90 -1.45
CA MET A 345 8.62 29.73 -1.86
C MET A 345 9.04 31.15 -2.20
N PRO A 346 8.30 31.79 -3.14
CA PRO A 346 8.60 33.19 -3.45
C PRO A 346 8.19 34.06 -2.26
N GLU A 347 8.98 35.10 -1.99
CA GLU A 347 8.78 36.04 -0.87
C GLU A 347 7.40 36.67 -0.73
N GLU A 348 6.75 36.91 -1.86
CA GLU A 348 5.41 37.51 -1.93
C GLU A 348 4.33 36.59 -1.31
N LEU A 349 4.57 35.29 -1.37
CA LEU A 349 3.64 34.28 -0.85
C LEU A 349 3.87 33.87 0.60
N GLN A 350 5.08 34.08 1.10
CA GLN A 350 5.46 33.70 2.48
C GLN A 350 4.77 34.50 3.58
N ALA A 351 4.07 35.57 3.20
CA ALA A 351 3.32 36.43 4.11
C ALA A 351 1.87 35.96 4.24
N LEU A 352 1.51 34.94 3.48
CA LEU A 352 0.15 34.43 3.45
C LEU A 352 0.08 32.99 3.95
N VAL A 353 1.23 32.39 4.25
CA VAL A 353 1.30 30.99 4.67
C VAL A 353 1.90 30.66 6.04
N VAL A 354 1.63 29.44 6.49
CA VAL A 354 2.10 28.90 7.77
C VAL A 354 3.04 27.71 7.55
N ILE B 15 17.29 -42.02 -9.96
CA ILE B 15 16.06 -41.23 -10.22
C ILE B 15 15.26 -41.07 -8.92
N PRO B 16 15.05 -39.81 -8.49
CA PRO B 16 14.30 -39.50 -7.27
C PRO B 16 12.81 -39.82 -7.39
N THR B 17 12.26 -40.38 -6.31
CA THR B 17 10.85 -40.76 -6.23
C THR B 17 10.04 -39.49 -5.93
N THR B 18 8.72 -39.56 -6.09
CA THR B 18 7.80 -38.45 -5.81
C THR B 18 7.87 -37.99 -4.35
N GLU B 19 8.10 -38.93 -3.43
CA GLU B 19 8.26 -38.65 -2.00
C GLU B 19 9.60 -37.98 -1.74
N ASN B 20 10.59 -38.30 -2.58
CA ASN B 20 11.94 -37.73 -2.50
C ASN B 20 12.01 -36.32 -3.07
N LEU B 21 10.98 -35.95 -3.84
CA LEU B 21 10.88 -34.63 -4.46
C LEU B 21 9.95 -33.70 -3.71
N TYR B 22 8.71 -34.15 -3.49
CA TYR B 22 7.67 -33.34 -2.86
C TYR B 22 7.85 -33.26 -1.33
N PHE B 23 7.54 -34.35 -0.62
CA PHE B 23 7.70 -34.39 0.84
C PHE B 23 9.13 -34.77 1.26
N GLN B 24 10.08 -33.89 0.94
CA GLN B 24 11.48 -34.09 1.26
C GLN B 24 11.92 -33.19 2.42
N GLU B 43 -0.83 -42.27 11.88
CA GLU B 43 -1.33 -41.82 10.58
C GLU B 43 -0.46 -40.74 9.92
N VAL B 44 -1.06 -39.84 9.13
CA VAL B 44 -0.31 -38.81 8.41
C VAL B 44 -0.45 -37.38 8.95
N LEU B 45 0.69 -36.76 9.28
CA LEU B 45 0.68 -35.36 9.74
C LEU B 45 1.35 -34.50 8.67
N THR B 46 0.54 -33.75 7.94
CA THR B 46 1.02 -32.86 6.87
C THR B 46 1.32 -31.47 7.44
N VAL B 47 2.58 -31.05 7.34
CA VAL B 47 3.01 -29.75 7.88
C VAL B 47 3.70 -28.88 6.82
N PHE B 48 3.12 -27.72 6.52
CA PHE B 48 3.76 -26.79 5.59
C PHE B 48 4.43 -25.72 6.43
N HIS B 49 5.73 -25.56 6.26
CA HIS B 49 6.46 -24.58 7.04
C HIS B 49 7.51 -23.80 6.27
N ALA B 50 7.95 -22.71 6.91
CA ALA B 50 8.97 -21.82 6.42
C ALA B 50 10.32 -22.53 6.29
N GLY B 51 11.15 -22.07 5.36
CA GLY B 51 12.49 -22.61 5.12
C GLY B 51 13.40 -22.48 6.32
N SER B 52 13.30 -21.35 7.04
CA SER B 52 14.10 -21.08 8.24
C SER B 52 13.72 -21.93 9.45
N LEU B 53 12.59 -22.64 9.34
CA LEU B 53 12.11 -23.52 10.38
C LEU B 53 12.51 -24.97 10.16
N SER B 54 13.17 -25.26 9.04
CA SER B 54 13.60 -26.63 8.68
C SER B 54 14.32 -27.38 9.80
N VAL B 55 15.36 -26.76 10.35
CA VAL B 55 16.16 -27.36 11.43
C VAL B 55 15.36 -27.60 12.74
N PRO B 56 14.70 -26.54 13.33
CA PRO B 56 13.94 -26.83 14.55
C PRO B 56 12.75 -27.79 14.37
N PHE B 57 12.08 -27.72 13.22
CA PHE B 57 10.93 -28.60 12.91
C PHE B 57 11.34 -30.04 12.61
N GLU B 58 12.59 -30.24 12.20
CA GLU B 58 13.16 -31.56 11.92
C GLU B 58 13.36 -32.27 13.26
N GLU B 59 13.76 -31.50 14.27
CA GLU B 59 13.96 -32.01 15.63
C GLU B 59 12.62 -32.16 16.34
N LEU B 60 11.64 -31.34 15.94
CA LEU B 60 10.28 -31.42 16.47
C LEU B 60 9.56 -32.64 15.92
N GLU B 61 9.91 -33.01 14.67
CA GLU B 61 9.36 -34.18 14.00
C GLU B 61 9.81 -35.45 14.72
N ALA B 62 11.11 -35.53 15.01
CA ALA B 62 11.74 -36.67 15.70
C ALA B 62 11.13 -36.95 17.07
N GLU B 63 10.90 -35.89 17.84
CA GLU B 63 10.31 -35.98 19.17
C GLU B 63 8.82 -36.36 19.11
N PHE B 64 8.12 -35.86 18.10
CA PHE B 64 6.69 -36.15 17.92
C PHE B 64 6.47 -37.59 17.46
N GLU B 65 7.42 -38.13 16.69
CA GLU B 65 7.37 -39.50 16.22
C GLU B 65 7.84 -40.47 17.31
N ALA B 66 8.60 -39.94 18.27
CA ALA B 66 9.11 -40.71 19.40
C ALA B 66 7.99 -40.99 20.40
N GLN B 67 7.05 -40.06 20.52
CA GLN B 67 5.92 -40.19 21.44
C GLN B 67 4.65 -40.76 20.77
N HIS B 68 4.64 -40.77 19.44
CA HIS B 68 3.52 -41.31 18.66
C HIS B 68 4.03 -42.34 17.64
N PRO B 69 3.79 -43.65 17.90
CA PRO B 69 4.24 -44.82 17.12
C PRO B 69 3.90 -44.86 15.62
N GLY B 70 2.62 -45.00 15.26
CA GLY B 70 2.20 -45.10 13.86
C GLY B 70 2.06 -43.79 13.09
N VAL B 71 2.47 -42.69 13.72
CA VAL B 71 2.37 -41.37 13.12
C VAL B 71 3.62 -40.99 12.32
N ASP B 72 3.39 -40.67 11.04
CA ASP B 72 4.45 -40.25 10.12
C ASP B 72 4.21 -38.78 9.76
N VAL B 73 5.16 -37.93 10.15
CA VAL B 73 5.08 -36.49 9.89
C VAL B 73 5.73 -36.21 8.54
N GLN B 74 4.95 -35.65 7.63
CA GLN B 74 5.42 -35.30 6.30
C GLN B 74 5.52 -33.80 6.14
N ARG B 75 6.73 -33.28 6.31
CA ARG B 75 7.02 -31.85 6.21
C ARG B 75 7.29 -31.42 4.78
N GLU B 76 6.82 -30.23 4.44
CA GLU B 76 7.01 -29.66 3.13
C GLU B 76 7.44 -28.20 3.34
N ALA B 77 8.73 -27.96 3.10
CA ALA B 77 9.35 -26.64 3.28
C ALA B 77 9.35 -25.80 2.01
N ALA B 78 8.95 -24.54 2.19
CA ALA B 78 8.88 -23.55 1.12
C ALA B 78 8.86 -22.16 1.73
N GLY B 79 8.77 -21.15 0.87
CA GLY B 79 8.66 -19.76 1.32
C GLY B 79 7.28 -19.65 1.93
N SER B 80 7.17 -18.97 3.07
CA SER B 80 5.90 -18.85 3.81
C SER B 80 4.68 -18.36 3.03
N ALA B 81 4.88 -17.42 2.12
CA ALA B 81 3.76 -16.90 1.31
C ALA B 81 3.25 -18.01 0.39
N GLN B 82 4.18 -18.79 -0.15
CA GLN B 82 3.85 -19.92 -1.02
C GLN B 82 3.19 -21.04 -0.23
N SER B 83 3.69 -21.27 0.99
CA SER B 83 3.15 -22.29 1.90
C SER B 83 1.66 -22.00 2.21
N VAL B 84 1.34 -20.72 2.36
CA VAL B 84 -0.03 -20.26 2.61
C VAL B 84 -0.88 -20.43 1.34
N ARG B 85 -0.33 -20.01 0.20
CA ARG B 85 -1.03 -20.12 -1.10
C ARG B 85 -1.36 -21.55 -1.55
N LYS B 86 -0.66 -22.54 -0.98
CA LYS B 86 -0.95 -23.95 -1.26
C LYS B 86 -2.33 -24.30 -0.69
N ILE B 87 -2.63 -23.77 0.48
CA ILE B 87 -3.89 -23.99 1.17
C ILE B 87 -5.01 -23.08 0.64
N THR B 88 -4.71 -21.80 0.50
CA THR B 88 -5.69 -20.79 0.08
C THR B 88 -6.02 -20.68 -1.42
N GLU B 89 -5.13 -21.16 -2.28
CA GLU B 89 -5.34 -21.08 -3.72
C GLU B 89 -5.20 -22.39 -4.50
N LEU B 90 -4.30 -23.27 -4.06
CA LEU B 90 -4.09 -24.55 -4.73
C LEU B 90 -5.00 -25.66 -4.22
N GLY B 91 -5.70 -25.38 -3.11
CA GLY B 91 -6.62 -26.32 -2.49
C GLY B 91 -5.98 -27.50 -1.78
N LYS B 92 -4.69 -27.37 -1.42
CA LYS B 92 -3.97 -28.42 -0.71
C LYS B 92 -4.34 -28.37 0.76
N LYS B 93 -4.45 -29.55 1.38
CA LYS B 93 -4.83 -29.64 2.79
C LYS B 93 -3.64 -29.94 3.69
N ALA B 94 -3.46 -29.09 4.70
CA ALA B 94 -2.39 -29.23 5.67
C ALA B 94 -2.97 -29.31 7.06
N ASP B 95 -2.25 -29.98 7.95
CA ASP B 95 -2.66 -30.11 9.33
C ASP B 95 -2.08 -28.96 10.13
N VAL B 96 -0.85 -28.57 9.80
CA VAL B 96 -0.14 -27.47 10.47
C VAL B 96 0.46 -26.53 9.43
N LEU B 97 0.30 -25.21 9.64
CA LEU B 97 0.88 -24.18 8.79
C LEU B 97 1.70 -23.26 9.67
N ALA B 98 3.01 -23.21 9.42
CA ALA B 98 3.93 -22.38 10.19
C ALA B 98 4.64 -21.38 9.27
N SER B 99 4.43 -20.10 9.55
CA SER B 99 4.99 -19.02 8.74
C SER B 99 6.12 -18.23 9.41
N ALA B 100 6.96 -17.63 8.58
CA ALA B 100 8.07 -16.78 9.03
C ALA B 100 7.56 -15.35 9.23
N ASP B 101 6.29 -15.14 8.91
CA ASP B 101 5.59 -13.88 9.06
C ASP B 101 4.16 -14.24 9.43
N TYR B 102 3.82 -14.02 10.70
CA TYR B 102 2.51 -14.35 11.29
C TYR B 102 1.34 -13.69 10.58
N ALA B 103 1.51 -12.42 10.17
CA ALA B 103 0.47 -11.60 9.54
C ALA B 103 -0.05 -12.13 8.22
N LEU B 104 0.60 -13.14 7.66
CA LEU B 104 0.15 -13.77 6.42
C LEU B 104 -1.10 -14.61 6.68
N ILE B 105 -1.27 -15.05 7.92
CA ILE B 105 -2.42 -15.85 8.32
C ILE B 105 -3.72 -15.02 8.35
N PRO B 106 -3.76 -13.87 9.08
CA PRO B 106 -5.03 -13.16 8.98
C PRO B 106 -5.28 -12.42 7.65
N SER B 107 -4.23 -12.07 6.93
CA SER B 107 -4.38 -11.36 5.65
C SER B 107 -4.75 -12.27 4.47
N LEU B 108 -4.42 -13.56 4.57
CA LEU B 108 -4.68 -14.49 3.47
C LEU B 108 -5.56 -15.69 3.80
N MET B 109 -5.56 -16.14 5.06
CA MET B 109 -6.32 -17.33 5.47
C MET B 109 -7.63 -17.05 6.23
N VAL B 110 -7.58 -16.11 7.17
CA VAL B 110 -8.73 -15.72 7.99
C VAL B 110 -9.80 -15.00 7.15
N PRO B 111 -11.08 -15.45 7.24
CA PRO B 111 -11.56 -16.56 8.06
C PRO B 111 -11.95 -17.87 7.35
N GLU B 112 -11.79 -17.93 6.03
CA GLU B 112 -12.16 -19.13 5.25
C GLU B 112 -11.32 -20.37 5.56
N TYR B 113 -9.99 -20.20 5.64
CA TYR B 113 -9.09 -21.32 5.90
C TYR B 113 -8.49 -21.42 7.29
N ALA B 114 -8.64 -20.36 8.09
CA ALA B 114 -8.12 -20.36 9.47
C ALA B 114 -8.98 -19.46 10.36
N ASP B 115 -9.12 -19.86 11.62
CA ASP B 115 -9.89 -19.10 12.61
C ASP B 115 -9.01 -18.52 13.72
N TRP B 116 -7.76 -19.00 13.78
CA TRP B 116 -6.81 -18.54 14.79
C TRP B 116 -5.37 -18.70 14.33
N TYR B 117 -4.44 -18.15 15.14
CA TYR B 117 -3.00 -18.21 14.91
C TYR B 117 -2.27 -17.89 16.20
N ALA B 118 -1.01 -18.35 16.31
CA ALA B 118 -0.22 -18.11 17.50
C ALA B 118 1.22 -17.72 17.18
N ALA B 119 1.62 -16.55 17.69
CA ALA B 119 2.96 -16.00 17.52
C ALA B 119 3.88 -16.76 18.48
N PHE B 120 4.80 -17.55 17.92
CA PHE B 120 5.66 -18.41 18.74
C PHE B 120 7.18 -18.17 18.73
N ALA B 121 7.68 -17.47 17.70
CA ALA B 121 9.12 -17.22 17.59
C ALA B 121 9.47 -15.87 16.98
N ARG B 122 10.74 -15.50 17.11
CA ARG B 122 11.29 -14.24 16.63
C ARG B 122 12.56 -14.52 15.85
N ASN B 123 12.99 -13.56 15.03
CA ASN B 123 14.23 -13.71 14.29
C ASN B 123 14.81 -12.33 13.95
N GLN B 124 15.97 -12.34 13.29
CA GLN B 124 16.69 -11.12 12.93
C GLN B 124 17.36 -11.22 11.56
N MET B 125 17.17 -10.20 10.74
CA MET B 125 17.80 -10.14 9.43
C MET B 125 19.25 -9.70 9.57
N ILE B 126 20.15 -10.46 8.95
CA ILE B 126 21.58 -10.17 8.94
C ILE B 126 22.12 -10.33 7.53
N LEU B 127 23.37 -9.92 7.33
CA LEU B 127 24.01 -10.09 6.04
C LEU B 127 25.12 -11.11 6.27
N ALA B 128 24.84 -12.36 5.91
CA ALA B 128 25.75 -13.49 6.09
C ALA B 128 26.88 -13.58 5.08
N TYR B 129 28.02 -14.10 5.56
CA TYR B 129 29.23 -14.31 4.75
C TYR B 129 30.13 -15.37 5.37
N THR B 130 31.27 -15.65 4.72
CA THR B 130 32.21 -16.66 5.18
C THR B 130 33.66 -16.20 5.11
N ASN B 131 34.55 -17.18 5.04
CA ASN B 131 35.99 -16.96 4.91
C ASN B 131 36.39 -16.83 3.43
N GLU B 132 35.41 -17.03 2.54
CA GLU B 132 35.64 -16.95 1.10
C GLU B 132 35.12 -15.66 0.47
N SER B 133 34.10 -15.07 1.09
CA SER B 133 33.49 -13.82 0.64
C SER B 133 34.50 -12.69 0.54
N LYS B 134 34.53 -12.05 -0.64
CA LYS B 134 35.45 -10.94 -0.91
C LYS B 134 35.09 -9.76 -0.03
N TYR B 135 36.13 -9.11 0.51
CA TYR B 135 36.06 -7.94 1.41
C TYR B 135 35.39 -8.28 2.76
N GLY B 136 35.40 -9.57 3.11
CA GLY B 136 34.81 -10.09 4.34
C GLY B 136 35.45 -9.63 5.63
N ASP B 137 36.75 -9.34 5.58
CA ASP B 137 37.48 -8.87 6.75
C ASP B 137 37.35 -7.35 6.92
N GLU B 138 37.05 -6.65 5.84
CA GLU B 138 36.89 -5.20 5.85
C GLU B 138 35.42 -4.74 5.94
N ILE B 139 34.49 -5.69 6.08
CA ILE B 139 33.07 -5.34 6.17
C ILE B 139 32.55 -5.31 7.62
N ASN B 140 31.70 -4.31 7.89
CA ASN B 140 31.05 -4.11 9.19
C ASN B 140 29.66 -3.46 9.03
N THR B 141 29.08 -3.06 10.16
CA THR B 141 27.75 -2.42 10.22
C THR B 141 27.68 -1.06 9.51
N ASP B 142 28.78 -0.32 9.56
CA ASP B 142 28.87 1.02 8.95
C ASP B 142 29.05 1.05 7.42
N ASN B 143 29.65 0.01 6.86
CA ASN B 143 29.93 -0.01 5.41
C ASN B 143 29.46 -1.22 4.59
N TRP B 144 28.45 -1.94 5.07
CA TRP B 144 27.95 -3.14 4.37
C TRP B 144 27.45 -2.91 2.95
N TYR B 145 26.68 -1.84 2.77
CA TYR B 145 26.10 -1.47 1.47
C TYR B 145 27.14 -0.94 0.48
N GLU B 146 28.20 -0.34 1.01
CA GLU B 146 29.29 0.20 0.20
C GLU B 146 30.06 -0.95 -0.45
N ILE B 147 30.17 -2.06 0.28
CA ILE B 147 30.82 -3.28 -0.21
C ILE B 147 29.92 -3.92 -1.29
N LEU B 148 28.61 -3.92 -1.06
CA LEU B 148 27.63 -4.47 -2.01
C LEU B 148 27.51 -3.68 -3.31
N ARG B 149 27.89 -2.40 -3.27
CA ARG B 149 27.88 -1.53 -4.45
C ARG B 149 28.99 -1.87 -5.45
N ARG B 150 30.06 -2.48 -4.96
CA ARG B 150 31.22 -2.88 -5.77
C ARG B 150 30.87 -3.89 -6.88
N PRO B 151 31.34 -3.63 -8.13
CA PRO B 151 31.08 -4.47 -9.31
C PRO B 151 31.51 -5.94 -9.22
N ASP B 152 32.57 -6.21 -8.47
CA ASP B 152 33.10 -7.56 -8.29
C ASP B 152 32.40 -8.36 -7.17
N VAL B 153 31.56 -7.68 -6.39
CA VAL B 153 30.83 -8.30 -5.27
C VAL B 153 29.44 -8.77 -5.68
N ARG B 154 29.13 -10.03 -5.37
CA ARG B 154 27.84 -10.63 -5.70
C ARG B 154 27.11 -11.03 -4.40
N TYR B 155 25.84 -10.70 -4.32
CA TYR B 155 25.00 -10.99 -3.15
C TYR B 155 23.73 -11.78 -3.51
N GLY B 156 23.10 -12.39 -2.51
CA GLY B 156 21.90 -13.18 -2.74
C GLY B 156 20.74 -12.97 -1.79
N PHE B 157 19.53 -13.17 -2.32
CA PHE B 157 18.28 -13.06 -1.57
C PHE B 157 17.21 -13.91 -2.25
N SER B 158 16.22 -14.35 -1.48
CA SER B 158 15.15 -15.17 -2.04
C SER B 158 14.06 -14.36 -2.75
N ASN B 159 13.14 -15.07 -3.38
CA ASN B 159 12.03 -14.48 -4.14
C ASN B 159 11.01 -13.79 -3.22
N PRO B 160 10.83 -12.46 -3.39
CA PRO B 160 9.88 -11.65 -2.60
C PRO B 160 8.41 -12.02 -2.82
N ASN B 161 8.08 -12.58 -3.98
CA ASN B 161 6.72 -13.02 -4.30
C ASN B 161 6.23 -14.19 -3.45
N ASP B 162 7.16 -14.99 -2.95
CA ASP B 162 6.77 -16.15 -2.16
C ASP B 162 7.49 -16.40 -0.84
N ASP B 163 8.48 -15.58 -0.49
CA ASP B 163 9.23 -15.79 0.74
C ASP B 163 9.46 -14.52 1.56
N PRO B 164 9.16 -14.56 2.89
CA PRO B 164 9.42 -13.43 3.79
C PRO B 164 10.82 -12.89 3.75
N ALA B 165 11.84 -13.75 3.84
CA ALA B 165 13.25 -13.35 3.77
C ALA B 165 13.58 -12.67 2.45
N GLY B 166 12.75 -12.96 1.44
CA GLY B 166 12.89 -12.39 0.12
C GLY B 166 12.47 -10.93 0.12
N TYR B 167 11.26 -10.66 0.59
CA TYR B 167 10.80 -9.27 0.64
C TYR B 167 11.43 -8.45 1.76
N ARG B 168 11.88 -9.13 2.82
CA ARG B 168 12.54 -8.49 3.95
C ARG B 168 13.89 -7.93 3.56
N SER B 169 14.54 -8.56 2.57
CA SER B 169 15.84 -8.14 2.05
C SER B 169 15.70 -6.76 1.39
N GLN B 170 14.55 -6.55 0.76
CA GLN B 170 14.19 -5.32 0.08
C GLN B 170 13.80 -4.25 1.09
N MET B 171 13.15 -4.68 2.19
CA MET B 171 12.73 -3.80 3.27
C MET B 171 13.93 -3.23 4.01
N VAL B 172 14.91 -4.10 4.32
CA VAL B 172 16.13 -3.73 5.01
C VAL B 172 16.91 -2.69 4.20
N THR B 173 17.11 -3.00 2.92
CA THR B 173 17.87 -2.16 1.96
C THR B 173 17.22 -0.78 1.74
N GLN B 174 15.90 -0.73 1.75
CA GLN B 174 15.20 0.53 1.57
C GLN B 174 15.31 1.37 2.86
N LEU B 175 15.14 0.74 4.02
CA LEU B 175 15.25 1.43 5.32
C LEU B 175 16.65 1.95 5.62
N ALA B 176 17.66 1.34 4.97
CA ALA B 176 19.05 1.72 5.10
C ALA B 176 19.31 3.13 4.56
N GLU B 177 18.50 3.57 3.61
CA GLU B 177 18.61 4.90 3.00
C GLU B 177 18.43 6.04 3.99
N SER B 178 17.33 6.00 4.75
CA SER B 178 17.01 7.02 5.74
C SER B 178 17.90 6.94 6.99
N TYR B 179 18.49 5.75 7.23
CA TYR B 179 19.36 5.54 8.37
C TYR B 179 20.77 6.07 8.12
N TYR B 180 21.35 5.68 6.98
CA TYR B 180 22.72 6.09 6.62
C TYR B 180 22.82 7.39 5.82
N ASN B 181 21.69 8.10 5.67
CA ASN B 181 21.59 9.38 4.92
C ASN B 181 22.13 9.26 3.48
N ASP B 182 21.59 8.28 2.74
CA ASP B 182 22.01 8.02 1.37
C ASP B 182 20.79 7.54 0.58
N ASP B 183 20.20 8.44 -0.20
CA ASP B 183 19.00 8.15 -1.00
C ASP B 183 19.20 7.25 -2.24
N MET B 184 20.41 6.73 -2.43
CA MET B 184 20.72 5.87 -3.59
C MET B 184 21.06 4.41 -3.29
N ILE B 185 21.00 4.02 -2.01
CA ILE B 185 21.31 2.63 -1.58
C ILE B 185 20.41 1.58 -2.25
N TYR B 186 19.10 1.79 -2.19
CA TYR B 186 18.16 0.83 -2.78
C TYR B 186 18.17 0.82 -4.32
N ASP B 187 18.44 1.98 -4.93
CA ASP B 187 18.47 2.12 -6.39
C ASP B 187 19.68 1.39 -6.98
N ASP B 188 20.86 1.60 -6.39
CA ASP B 188 22.10 0.97 -6.84
C ASP B 188 22.10 -0.55 -6.73
N LEU B 189 21.67 -1.04 -5.57
CA LEU B 189 21.66 -2.47 -5.29
C LEU B 189 20.49 -3.26 -5.86
N MET B 190 19.29 -2.70 -5.78
CA MET B 190 18.10 -3.44 -6.22
C MET B 190 17.44 -2.97 -7.53
N LEU B 191 17.04 -1.69 -7.58
CA LEU B 191 16.36 -1.12 -8.76
C LEU B 191 17.13 -1.21 -10.08
N ALA B 192 18.45 -1.01 -10.02
CA ALA B 192 19.30 -1.05 -11.21
C ALA B 192 19.71 -2.47 -11.62
N ASN B 193 19.50 -3.43 -10.73
CA ASN B 193 19.87 -4.83 -10.97
C ASN B 193 18.70 -5.82 -11.12
N THR B 194 17.47 -5.36 -10.86
CA THR B 194 16.29 -6.22 -10.98
C THR B 194 15.12 -5.54 -11.69
N GLY B 195 13.99 -6.25 -11.72
CA GLY B 195 12.75 -5.80 -12.32
C GLY B 195 11.88 -5.03 -11.32
N MET B 196 12.32 -5.00 -10.05
CA MET B 196 11.61 -4.25 -9.01
C MET B 196 11.55 -2.76 -9.30
N THR B 197 10.39 -2.17 -9.02
CA THR B 197 10.17 -0.75 -9.17
C THR B 197 9.82 -0.20 -7.78
N LEU B 198 9.75 1.13 -7.66
CA LEU B 198 9.43 1.77 -6.38
C LEU B 198 8.67 3.07 -6.56
N THR B 199 7.56 3.19 -5.83
CA THR B 199 6.74 4.39 -5.83
C THR B 199 6.67 4.89 -4.38
N THR B 200 6.38 6.17 -4.22
CA THR B 200 6.26 6.76 -2.90
C THR B 200 4.79 7.03 -2.63
N GLU B 201 4.30 6.51 -1.51
CA GLU B 201 2.91 6.69 -1.12
C GLU B 201 2.72 8.08 -0.52
N GLU B 202 1.46 8.49 -0.42
CA GLU B 202 1.07 9.81 0.11
C GLU B 202 1.46 10.10 1.56
N ASN B 203 1.71 9.06 2.34
CA ASN B 203 2.12 9.22 3.73
C ASN B 203 3.64 9.20 3.90
N GLY B 204 4.36 9.02 2.78
CA GLY B 204 5.82 8.97 2.77
C GLY B 204 6.41 7.57 2.77
N THR B 205 5.53 6.57 2.85
CA THR B 205 5.91 5.15 2.86
C THR B 205 6.38 4.77 1.45
N ALA B 206 7.49 4.03 1.40
CA ALA B 206 8.03 3.57 0.13
C ALA B 206 7.43 2.22 -0.21
N LEU B 207 6.90 2.10 -1.42
CA LEU B 207 6.28 0.85 -1.87
C LEU B 207 7.08 0.20 -2.99
N ILE B 208 7.62 -0.96 -2.67
CA ILE B 208 8.41 -1.76 -3.59
C ILE B 208 7.47 -2.69 -4.35
N HIS B 209 7.45 -2.57 -5.67
CA HIS B 209 6.61 -3.43 -6.50
C HIS B 209 7.43 -4.55 -7.06
N VAL B 210 6.91 -5.76 -6.93
CA VAL B 210 7.60 -6.94 -7.44
C VAL B 210 6.78 -7.45 -8.62
N PRO B 211 7.41 -7.59 -9.80
CA PRO B 211 6.67 -8.09 -10.97
C PRO B 211 6.58 -9.63 -10.90
N ALA B 212 6.25 -10.26 -12.04
CA ALA B 212 6.17 -11.72 -12.14
C ALA B 212 7.56 -12.28 -11.82
N SER B 213 7.60 -13.45 -11.20
CA SER B 213 8.87 -14.09 -10.79
C SER B 213 9.94 -14.24 -11.86
N GLU B 214 9.52 -14.46 -13.10
CA GLU B 214 10.45 -14.58 -14.22
C GLU B 214 10.87 -13.21 -14.77
N GLU B 215 10.09 -12.19 -14.45
CA GLU B 215 10.37 -10.81 -14.87
C GLU B 215 11.19 -10.00 -13.86
N ILE B 216 11.65 -10.67 -12.80
CA ILE B 216 12.50 -10.03 -11.79
C ILE B 216 13.85 -9.78 -12.49
N SER B 217 14.21 -10.72 -13.37
CA SER B 217 15.44 -10.71 -14.22
C SER B 217 16.66 -10.12 -13.52
N PRO B 218 17.21 -10.84 -12.53
CA PRO B 218 18.36 -10.31 -11.80
C PRO B 218 19.64 -10.23 -12.62
N ASN B 219 20.47 -9.24 -12.30
CA ASN B 219 21.77 -9.06 -12.94
C ASN B 219 22.64 -10.14 -12.32
N THR B 220 22.93 -11.18 -13.11
CA THR B 220 23.73 -12.34 -12.68
C THR B 220 25.15 -12.04 -12.20
N SER B 221 25.66 -10.87 -12.58
CA SER B 221 26.99 -10.43 -12.16
C SER B 221 26.95 -9.86 -10.74
N LYS B 222 25.75 -9.44 -10.32
CA LYS B 222 25.54 -8.84 -9.00
C LYS B 222 24.61 -9.60 -8.05
N ILE B 223 23.61 -10.30 -8.60
CA ILE B 223 22.58 -10.98 -7.80
C ILE B 223 22.26 -12.44 -8.15
N MET B 224 22.11 -13.26 -7.11
CA MET B 224 21.64 -14.63 -7.25
C MET B 224 20.29 -14.72 -6.56
N LEU B 225 19.28 -15.12 -7.31
CA LEU B 225 17.93 -15.25 -6.79
C LEU B 225 17.55 -16.72 -6.74
N ARG B 226 16.95 -17.13 -5.63
CA ARG B 226 16.46 -18.50 -5.43
C ARG B 226 15.02 -18.44 -4.96
N SER B 227 14.31 -19.54 -5.10
CA SER B 227 12.90 -19.63 -4.69
C SER B 227 12.74 -19.51 -3.17
N MET B 228 13.66 -20.13 -2.43
CA MET B 228 13.67 -20.08 -0.98
C MET B 228 15.07 -19.72 -0.47
N GLU B 229 15.12 -19.01 0.66
CA GLU B 229 16.36 -18.52 1.28
C GLU B 229 17.41 -19.59 1.61
N VAL B 230 16.96 -20.81 1.90
CA VAL B 230 17.83 -21.93 2.27
C VAL B 230 18.58 -22.64 1.15
N GLU B 231 18.38 -22.19 -0.09
CA GLU B 231 19.07 -22.76 -1.26
C GLU B 231 20.27 -21.89 -1.65
N LEU B 232 20.33 -20.72 -1.04
CA LEU B 232 21.41 -19.75 -1.24
C LEU B 232 22.56 -20.04 -0.30
N SER B 233 22.29 -20.88 0.71
CA SER B 233 23.27 -21.31 1.71
C SER B 233 24.40 -22.08 1.03
N SER B 234 24.03 -22.92 0.05
CA SER B 234 24.98 -23.72 -0.73
C SER B 234 25.92 -22.86 -1.57
N ALA B 235 25.39 -21.75 -2.10
CA ALA B 235 26.14 -20.81 -2.91
C ALA B 235 27.15 -20.00 -2.08
N LEU B 236 26.80 -19.74 -0.82
CA LEU B 236 27.67 -18.98 0.08
C LEU B 236 28.84 -19.84 0.57
N GLU B 237 28.59 -21.15 0.71
CA GLU B 237 29.60 -22.12 1.16
C GLU B 237 30.69 -22.34 0.11
N THR B 238 30.28 -22.43 -1.15
CA THR B 238 31.19 -22.64 -2.28
C THR B 238 31.85 -21.33 -2.74
N GLY B 239 31.36 -20.21 -2.21
CA GLY B 239 31.90 -18.89 -2.53
C GLY B 239 31.37 -18.34 -3.84
N GLU B 240 30.30 -18.97 -4.37
CA GLU B 240 29.64 -18.58 -5.62
C GLU B 240 29.10 -17.14 -5.47
N ILE B 241 28.66 -16.82 -4.26
CA ILE B 241 28.19 -15.48 -3.88
C ILE B 241 28.97 -15.04 -2.64
N ASP B 242 29.06 -13.74 -2.43
CA ASP B 242 29.80 -13.18 -1.29
C ASP B 242 28.89 -12.87 -0.11
N TYR B 243 27.72 -12.30 -0.36
CA TYR B 243 26.84 -11.95 0.76
C TYR B 243 25.44 -12.53 0.64
N LEU B 244 24.75 -12.63 1.77
CA LEU B 244 23.43 -13.23 1.81
C LEU B 244 22.48 -12.62 2.85
N TYR B 245 21.33 -12.16 2.37
CA TYR B 245 20.29 -11.65 3.24
C TYR B 245 19.60 -12.88 3.76
N ILE B 246 19.80 -13.18 5.03
CA ILE B 246 19.19 -14.33 5.65
C ILE B 246 19.03 -14.08 7.15
N TYR B 247 18.31 -14.97 7.83
CA TYR B 247 18.07 -14.83 9.25
C TYR B 247 19.30 -15.17 10.08
N ARG B 248 19.35 -14.62 11.30
CA ARG B 248 20.46 -14.84 12.24
C ARG B 248 20.55 -16.30 12.66
N SER B 249 19.37 -16.92 12.88
CA SER B 249 19.27 -18.32 13.28
C SER B 249 19.88 -19.23 12.22
N VAL B 250 19.53 -18.99 10.95
CA VAL B 250 20.02 -19.77 9.81
C VAL B 250 21.55 -19.69 9.65
N ALA B 251 22.10 -18.49 9.85
CA ALA B 251 23.55 -18.25 9.77
C ALA B 251 24.31 -19.03 10.84
N GLU B 252 23.73 -19.09 12.05
CA GLU B 252 24.31 -19.82 13.17
C GLU B 252 24.19 -21.34 13.00
N GLN B 253 23.13 -21.77 12.31
CA GLN B 253 22.87 -23.19 12.03
C GLN B 253 23.90 -23.75 11.03
N HIS B 254 24.34 -22.91 10.10
CA HIS B 254 25.34 -23.29 9.10
C HIS B 254 26.77 -22.95 9.51
N GLY B 255 26.91 -22.08 10.50
CA GLY B 255 28.23 -21.68 11.00
C GLY B 255 28.85 -20.52 10.23
N PHE B 256 28.00 -19.71 9.58
CA PHE B 256 28.48 -18.56 8.82
C PHE B 256 28.77 -17.38 9.73
N GLU B 257 29.47 -16.40 9.17
CA GLU B 257 29.76 -15.16 9.86
C GLU B 257 28.64 -14.24 9.38
N TYR B 258 28.41 -13.16 10.11
CA TYR B 258 27.35 -12.22 9.74
C TYR B 258 27.61 -10.79 10.19
N VAL B 259 27.17 -9.86 9.37
CA VAL B 259 27.25 -8.44 9.68
C VAL B 259 25.96 -8.14 10.42
N ALA B 260 26.08 -7.76 11.69
CA ALA B 260 24.93 -7.41 12.51
C ALA B 260 24.44 -6.05 12.05
N LEU B 261 23.23 -6.03 11.50
CA LEU B 261 22.63 -4.80 10.98
C LEU B 261 21.98 -4.00 12.12
N PRO B 262 21.88 -2.66 11.96
CA PRO B 262 21.28 -1.83 13.01
C PRO B 262 19.83 -2.19 13.31
N PRO B 263 19.44 -2.18 14.61
CA PRO B 263 18.08 -2.47 15.09
C PRO B 263 16.99 -1.64 14.41
N ALA B 264 17.35 -0.48 13.89
CA ALA B 264 16.42 0.40 13.19
C ALA B 264 16.04 -0.13 11.80
N ILE B 265 16.86 -1.02 11.24
CA ILE B 265 16.60 -1.59 9.91
C ILE B 265 16.55 -3.13 9.81
N ASP B 266 17.02 -3.84 10.84
CA ASP B 266 17.09 -5.32 10.76
C ASP B 266 15.85 -6.16 11.11
N LEU B 267 14.73 -5.48 11.36
CA LEU B 267 13.42 -6.11 11.70
C LEU B 267 13.46 -7.04 12.94
N SER B 268 14.27 -6.68 13.93
CA SER B 268 14.42 -7.51 15.14
C SER B 268 13.95 -6.88 16.44
N SER B 269 13.52 -5.62 16.40
CA SER B 269 13.09 -4.93 17.62
C SER B 269 11.68 -4.37 17.57
N LEU B 270 10.93 -4.60 18.64
CA LEU B 270 9.56 -4.14 18.82
C LEU B 270 9.50 -2.62 19.03
N GLU B 271 10.61 -2.07 19.50
CA GLU B 271 10.77 -0.64 19.77
C GLU B 271 10.85 0.16 18.47
N TYR B 272 11.45 -0.43 17.44
CA TYR B 272 11.60 0.21 16.12
C TYR B 272 10.52 -0.18 15.10
N ALA B 273 9.36 -0.63 15.60
CA ALA B 273 8.21 -1.04 14.77
C ALA B 273 7.63 0.09 13.91
N ASP B 274 7.68 1.32 14.42
CA ASP B 274 7.18 2.50 13.70
C ASP B 274 8.07 2.83 12.50
N ASN B 275 9.37 2.60 12.64
CA ASN B 275 10.32 2.85 11.56
C ASN B 275 10.20 1.78 10.48
N TYR B 276 9.89 0.55 10.87
CA TYR B 276 9.77 -0.56 9.92
C TYR B 276 8.59 -0.41 8.97
N SER B 277 7.48 0.12 9.48
CA SER B 277 6.24 0.33 8.73
C SER B 277 6.34 1.39 7.65
N LYS B 278 7.49 2.06 7.58
CA LYS B 278 7.76 3.08 6.57
C LYS B 278 8.10 2.49 5.21
N VAL B 279 8.04 1.15 5.11
CA VAL B 279 8.28 0.44 3.87
C VAL B 279 7.28 -0.72 3.73
N GLN B 280 6.71 -0.83 2.53
CA GLN B 280 5.79 -1.91 2.19
C GLN B 280 6.25 -2.56 0.90
N VAL B 281 5.91 -3.82 0.72
CA VAL B 281 6.28 -4.56 -0.49
C VAL B 281 5.04 -5.22 -1.07
N GLU B 282 4.75 -4.92 -2.34
CA GLU B 282 3.60 -5.50 -3.00
C GLU B 282 4.05 -6.59 -3.95
N MET B 283 3.44 -7.77 -3.79
CA MET B 283 3.71 -8.93 -4.63
C MET B 283 2.95 -8.79 -5.94
N VAL B 284 3.26 -9.64 -6.93
CA VAL B 284 2.64 -9.62 -8.26
C VAL B 284 1.10 -9.80 -8.22
N ASN B 285 0.61 -10.56 -7.24
CA ASN B 285 -0.83 -10.80 -7.10
C ASN B 285 -1.62 -9.67 -6.43
N GLY B 286 -0.93 -8.62 -5.98
CA GLY B 286 -1.56 -7.47 -5.34
C GLY B 286 -1.54 -7.45 -3.82
N GLU B 287 -1.03 -8.51 -3.21
CA GLU B 287 -0.95 -8.59 -1.75
C GLU B 287 0.22 -7.75 -1.25
N VAL B 288 -0.04 -6.97 -0.20
CA VAL B 288 0.96 -6.07 0.38
C VAL B 288 1.42 -6.51 1.76
N VAL B 289 2.73 -6.67 1.90
CA VAL B 289 3.35 -7.01 3.18
C VAL B 289 4.08 -5.77 3.71
N THR B 290 3.96 -5.55 5.01
CA THR B 290 4.52 -4.36 5.65
C THR B 290 5.74 -4.70 6.51
N GLY B 291 6.72 -3.80 6.52
CA GLY B 291 7.91 -3.94 7.34
C GLY B 291 7.46 -3.93 8.78
N SER B 292 7.86 -4.96 9.51
CA SER B 292 7.49 -5.14 10.91
C SER B 292 8.53 -6.05 11.56
N PRO B 293 8.56 -6.13 12.91
CA PRO B 293 9.50 -7.05 13.55
C PRO B 293 9.18 -8.50 13.14
N ILE B 294 10.22 -9.30 12.92
CA ILE B 294 10.07 -10.69 12.50
C ILE B 294 9.44 -11.53 13.61
N VAL B 295 8.18 -11.92 13.36
CA VAL B 295 7.41 -12.73 14.28
C VAL B 295 6.86 -13.93 13.50
N TYR B 296 7.17 -15.12 13.98
CA TYR B 296 6.73 -16.38 13.38
C TYR B 296 5.36 -16.74 13.91
N GLY B 297 4.50 -17.25 13.02
CA GLY B 297 3.14 -17.62 13.39
C GLY B 297 2.78 -19.04 13.00
N VAL B 298 1.95 -19.69 13.81
CA VAL B 298 1.51 -21.06 13.54
C VAL B 298 -0.01 -21.18 13.65
N THR B 299 -0.59 -22.08 12.85
CA THR B 299 -2.03 -22.34 12.83
C THR B 299 -2.36 -23.76 12.35
N ILE B 300 -3.57 -24.19 12.68
CA ILE B 300 -4.12 -25.46 12.23
C ILE B 300 -5.26 -25.04 11.31
N PRO B 301 -5.11 -25.28 9.99
CA PRO B 301 -6.12 -24.94 8.98
C PRO B 301 -7.51 -25.53 9.28
N ASN B 302 -8.55 -24.79 8.91
CA ASN B 302 -9.95 -25.21 9.09
C ASN B 302 -10.33 -26.51 8.38
N ASN B 303 -9.66 -26.78 7.26
CA ASN B 303 -9.88 -27.98 6.47
C ASN B 303 -8.81 -29.08 6.68
N ALA B 304 -8.22 -29.10 7.88
CA ALA B 304 -7.20 -30.08 8.23
C ALA B 304 -7.83 -31.47 8.36
N GLU B 305 -7.16 -32.47 7.81
CA GLU B 305 -7.64 -33.84 7.84
C GLU B 305 -7.38 -34.52 9.19
N ASN B 306 -6.30 -34.10 9.86
CA ASN B 306 -5.91 -34.65 11.16
C ASN B 306 -5.70 -33.54 12.19
N SER B 307 -6.76 -32.79 12.45
CA SER B 307 -6.77 -31.66 13.40
C SER B 307 -6.51 -32.06 14.85
N GLU B 308 -6.83 -33.30 15.18
CA GLU B 308 -6.64 -33.86 16.51
C GLU B 308 -5.15 -34.05 16.75
N LEU B 309 -4.49 -34.63 15.75
CA LEU B 309 -3.06 -34.92 15.76
C LEU B 309 -2.24 -33.64 15.67
N ALA B 310 -2.76 -32.67 14.90
CA ALA B 310 -2.14 -31.36 14.69
C ALA B 310 -2.08 -30.59 16.00
N THR B 311 -3.13 -30.72 16.81
CA THR B 311 -3.25 -30.08 18.12
C THR B 311 -2.10 -30.51 19.03
N GLU B 312 -1.79 -31.80 19.02
CA GLU B 312 -0.70 -32.38 19.82
C GLU B 312 0.68 -31.92 19.35
N PHE B 313 0.82 -31.63 18.05
CA PHE B 313 2.08 -31.16 17.47
C PHE B 313 2.33 -29.71 17.87
N VAL B 314 1.27 -28.89 17.81
CA VAL B 314 1.32 -27.46 18.18
C VAL B 314 1.52 -27.35 19.70
N ALA B 315 0.92 -28.28 20.44
CA ALA B 315 1.05 -28.34 21.89
C ALA B 315 2.50 -28.64 22.29
N LEU B 316 3.17 -29.48 21.49
CA LEU B 316 4.56 -29.82 21.69
C LEU B 316 5.42 -28.61 21.34
N LEU B 317 5.05 -27.94 20.24
CA LEU B 317 5.72 -26.74 19.72
C LEU B 317 5.72 -25.56 20.71
N LEU B 318 4.57 -25.30 21.32
CA LEU B 318 4.40 -24.19 22.27
C LEU B 318 4.83 -24.55 23.67
N GLY B 319 4.88 -25.85 23.97
CA GLY B 319 5.29 -26.36 25.28
C GLY B 319 6.79 -26.22 25.49
N GLU B 320 7.25 -26.54 26.69
CA GLU B 320 8.69 -26.43 27.07
C GLU B 320 9.68 -27.19 26.19
N THR B 321 9.25 -28.30 25.60
CA THR B 321 10.09 -29.10 24.72
C THR B 321 10.37 -28.31 23.44
N GLY B 322 9.33 -27.74 22.85
CA GLY B 322 9.43 -26.94 21.63
C GLY B 322 10.26 -25.67 21.83
N GLN B 323 10.13 -25.07 23.01
CA GLN B 323 10.86 -23.85 23.39
C GLN B 323 12.37 -24.07 23.38
N GLN B 324 12.83 -25.16 23.99
CA GLN B 324 14.26 -25.49 24.09
C GLN B 324 14.92 -25.85 22.76
N ILE B 325 14.13 -26.39 21.83
CA ILE B 325 14.60 -26.73 20.48
C ILE B 325 14.92 -25.44 19.72
N PHE B 326 14.09 -24.42 19.92
CA PHE B 326 14.32 -23.11 19.30
C PHE B 326 15.52 -22.37 19.90
N ILE B 327 15.68 -22.46 21.22
CA ILE B 327 16.80 -21.82 21.95
C ILE B 327 18.14 -22.41 21.48
N GLU B 328 18.19 -23.73 21.38
CA GLU B 328 19.39 -24.47 20.96
C GLU B 328 19.75 -24.24 19.49
N ASN B 329 18.77 -23.85 18.68
CA ASN B 329 18.97 -23.59 17.25
C ASN B 329 19.11 -22.10 16.90
N GLY B 330 19.36 -21.28 17.93
CA GLY B 330 19.56 -19.83 17.78
C GLY B 330 18.38 -18.97 17.37
N GLN B 331 17.17 -19.47 17.60
CA GLN B 331 15.96 -18.73 17.25
C GLN B 331 15.13 -18.45 18.51
N PRO B 332 15.05 -17.18 18.93
CA PRO B 332 14.31 -16.77 20.14
C PRO B 332 12.81 -17.05 20.10
N PRO B 333 12.32 -17.88 21.03
CA PRO B 333 10.89 -18.17 21.05
C PRO B 333 10.08 -17.16 21.86
N ILE B 334 8.83 -16.95 21.46
CA ILE B 334 7.94 -16.05 22.18
C ILE B 334 7.29 -16.91 23.26
N VAL B 335 7.73 -16.70 24.51
CA VAL B 335 7.23 -17.46 25.64
C VAL B 335 6.73 -16.53 26.74
N PRO B 336 5.40 -16.55 27.03
CA PRO B 336 4.39 -17.41 26.41
C PRO B 336 3.93 -16.90 25.04
N ALA B 337 3.51 -17.85 24.19
CA ALA B 337 3.03 -17.57 22.84
C ALA B 337 1.84 -16.63 22.84
N ILE B 338 1.79 -15.74 21.85
CA ILE B 338 0.71 -14.77 21.75
C ILE B 338 -0.26 -15.21 20.67
N ALA B 339 -1.51 -15.42 21.04
CA ALA B 339 -2.51 -15.87 20.09
C ALA B 339 -3.69 -14.93 19.93
N GLU B 340 -4.35 -15.06 18.77
CA GLU B 340 -5.50 -14.27 18.44
C GLU B 340 -6.57 -15.24 17.93
N GLY B 341 -7.81 -15.00 18.32
CA GLY B 341 -8.93 -15.87 17.93
C GLY B 341 -8.93 -17.10 18.83
N LYS B 342 -8.66 -16.87 20.11
CA LYS B 342 -8.60 -17.92 21.15
C LYS B 342 -9.90 -18.69 21.38
N ASP B 343 -11.04 -18.06 21.08
CA ASP B 343 -12.37 -18.68 21.22
C ASP B 343 -12.62 -19.76 20.16
N SER B 344 -11.70 -19.86 19.19
CA SER B 344 -11.77 -20.84 18.12
C SER B 344 -10.67 -21.91 18.28
N MET B 345 -9.69 -21.61 19.12
CA MET B 345 -8.57 -22.52 19.40
C MET B 345 -9.02 -23.72 20.21
N PRO B 346 -8.32 -24.88 20.04
CA PRO B 346 -8.63 -26.05 20.88
C PRO B 346 -8.23 -25.76 22.32
N GLU B 347 -8.97 -26.34 23.27
CA GLU B 347 -8.72 -26.17 24.72
C GLU B 347 -7.33 -26.53 25.23
N GLU B 348 -6.71 -27.52 24.60
CA GLU B 348 -5.36 -27.99 24.95
C GLU B 348 -4.30 -26.91 24.72
N LEU B 349 -4.52 -26.10 23.69
CA LEU B 349 -3.61 -25.02 23.30
C LEU B 349 -3.83 -23.71 24.05
N GLN B 350 -5.06 -23.47 24.50
CA GLN B 350 -5.44 -22.24 25.23
C GLN B 350 -4.74 -22.05 26.59
N ALA B 351 -4.18 -23.13 27.11
CA ALA B 351 -3.45 -23.13 28.38
C ALA B 351 -1.98 -22.76 28.17
N LEU B 352 -1.59 -22.62 26.91
CA LEU B 352 -0.20 -22.33 26.54
C LEU B 352 -0.03 -20.93 25.94
N VAL B 353 -1.14 -20.31 25.54
CA VAL B 353 -1.12 -19.00 24.88
C VAL B 353 -1.59 -17.80 25.71
N VAL B 354 -1.40 -16.61 25.13
CA VAL B 354 -1.79 -15.34 25.74
C VAL B 354 -2.96 -14.73 24.96
#